data_5L3R
#
_entry.id   5L3R
#
_cell.length_a   89.790
_cell.length_b   74.750
_cell.length_c   107.210
_cell.angle_alpha   90.00
_cell.angle_beta   91.14
_cell.angle_gamma   90.00
#
_symmetry.space_group_name_H-M   'P 1 21 1'
#
loop_
_entity.id
_entity.type
_entity.pdbx_description
1 polymer 'Signal recognition particle 54 kDa protein, chloroplastic'
2 polymer 'Cell division protein FtsY homolog, chloroplastic'
3 non-polymer 'PHOSPHOMETHYLPHOSPHONIC ACID GUANYLATE ESTER'
4 non-polymer 'MAGNESIUM ION'
5 non-polymer GLYCEROL
6 water water
#
loop_
_entity_poly.entity_id
_entity_poly.type
_entity_poly.pdbx_seq_one_letter_code
_entity_poly.pdbx_strand_id
1 'polypeptide(L)'
;HHHHHHMFGQLTGGLEAAWSKLKGEEVLTKDNIAEPMRDIRRALLEADVSLPVVRRFVQSVSDQAVGMGVIRGVKPDQQL
VKIVHDELVKLMGGEVSELQFAKSGPTVILLAGLQGVGKTTVCAKLACYLKKQGKSCMLIAGDVYRPAAIDQLVILGEQV
GVPVYTAGTDVKPADIAKQGLKEAKKNNVDVVIMDTAGRLQIDKGMMDELKDVKKFLNPTEVLLVVDAMTGQEAAALVTT
FNVEIGITGAILTKLDGDSRGGAALSVKEVSGKPIKLVGRGERMEDLEPFYPDRMAGRILG
;
A,C
2 'polypeptide(L)'
;HHHHHHVIDELLLFWNLAETDRVLDELEEALLVSDFGPKITVRIVERLREDIMSGKLKSGSEIKDALKESVLEMLAKKNS
KTELQLGFRKPAVIMIVGVNGGGKTTSLGKLAHRLKNEGTKVLMAAGDTFRAAASDQLEIWAERTGCEIVVAEGDKAKAA
TVLSKAVKRGKEEGYDVVLCDTSGRLHTNYSLMEELIACKKAVGKIVSGAPNEILLVLDGNTGLNMLPQAREFNEVVGIT
GLILTKLDGSARGGCVVSVVEELGIPVKFIGVGEAVEDLQPFDPEAFVNAIFS
;
B,D
#
loop_
_chem_comp.id
_chem_comp.type
_chem_comp.name
_chem_comp.formula
GCP non-polymer 'PHOSPHOMETHYLPHOSPHONIC ACID GUANYLATE ESTER' 'C11 H18 N5 O13 P3'
GOL non-polymer GLYCEROL 'C3 H8 O3'
MG non-polymer 'MAGNESIUM ION' 'Mg 2'
#
# COMPACT_ATOMS: atom_id res chain seq x y z
N LYS A 30 11.36 -37.45 -7.31
CA LYS A 30 9.93 -37.22 -7.44
C LYS A 30 9.24 -37.37 -6.14
N ASP A 31 8.77 -38.56 -5.74
CA ASP A 31 7.86 -38.55 -4.61
C ASP A 31 8.54 -38.14 -3.31
N ASN A 32 9.81 -37.73 -3.40
CA ASN A 32 10.31 -36.68 -2.53
C ASN A 32 9.52 -35.38 -2.74
N ILE A 33 8.94 -35.17 -3.94
CA ILE A 33 8.04 -34.03 -4.21
C ILE A 33 6.62 -34.30 -3.72
N ALA A 34 6.24 -35.57 -3.54
CA ALA A 34 5.00 -35.85 -2.79
C ALA A 34 5.07 -35.17 -1.42
N GLU A 35 6.29 -35.00 -0.88
CA GLU A 35 6.44 -34.37 0.42
C GLU A 35 6.13 -32.87 0.39
N PRO A 36 6.85 -32.04 -0.40
CA PRO A 36 6.44 -30.63 -0.50
C PRO A 36 5.07 -30.47 -1.11
N MET A 37 4.55 -31.51 -1.77
CA MET A 37 3.20 -31.40 -2.31
C MET A 37 2.18 -31.28 -1.18
N ARG A 38 2.35 -32.05 -0.11
CA ARG A 38 1.50 -31.82 1.06
C ARG A 38 1.85 -30.54 1.79
N ASP A 39 2.97 -29.90 1.44
CA ASP A 39 3.31 -28.62 2.04
C ASP A 39 2.56 -27.48 1.38
N ILE A 40 2.35 -27.53 0.06
CA ILE A 40 1.55 -26.50 -0.59
C ILE A 40 0.07 -26.66 -0.29
N ARG A 41 -0.37 -27.84 0.13
CA ARG A 41 -1.74 -28.00 0.61
C ARG A 41 -1.94 -27.19 1.89
N ARG A 42 -0.99 -27.31 2.82
CA ARG A 42 -1.01 -26.50 4.03
C ARG A 42 -1.03 -25.01 3.68
N ALA A 43 -0.17 -24.60 2.75
CA ALA A 43 -0.04 -23.18 2.42
C ALA A 43 -1.31 -22.65 1.77
N LEU A 44 -1.87 -23.40 0.83
CA LEU A 44 -3.15 -23.04 0.23
C LEU A 44 -4.27 -22.99 1.28
N LEU A 45 -4.23 -23.89 2.27
CA LEU A 45 -5.28 -23.87 3.28
C LEU A 45 -5.08 -22.70 4.24
N GLU A 46 -3.83 -22.35 4.53
CA GLU A 46 -3.52 -21.08 5.22
C GLU A 46 -4.13 -19.90 4.50
N ALA A 47 -4.13 -19.95 3.17
CA ALA A 47 -4.55 -18.82 2.35
C ALA A 47 -6.05 -18.77 2.13
N ASP A 48 -6.84 -19.56 2.87
CA ASP A 48 -8.30 -19.66 2.77
C ASP A 48 -8.79 -20.28 1.47
N VAL A 49 -8.00 -21.09 0.78
CA VAL A 49 -8.45 -21.73 -0.46
C VAL A 49 -9.37 -22.89 -0.10
N SER A 50 -10.54 -22.92 -0.74
CA SER A 50 -11.56 -23.93 -0.44
C SER A 50 -11.06 -25.36 -0.68
N LEU A 51 -11.35 -26.24 0.28
CA LEU A 51 -10.77 -27.59 0.27
C LEU A 51 -11.02 -28.41 -1.00
N PRO A 52 -12.21 -28.40 -1.62
CA PRO A 52 -12.34 -29.10 -2.90
C PRO A 52 -11.52 -28.46 -4.02
N VAL A 53 -11.37 -27.13 -4.05
CA VAL A 53 -10.46 -26.51 -5.01
C VAL A 53 -9.01 -26.90 -4.69
N VAL A 54 -8.67 -26.98 -3.40
CA VAL A 54 -7.31 -27.39 -3.02
C VAL A 54 -7.00 -28.78 -3.57
N ARG A 55 -7.93 -29.71 -3.36
CA ARG A 55 -7.70 -31.11 -3.73
C ARG A 55 -7.47 -31.25 -5.22
N ARG A 56 -8.36 -30.67 -6.03
CA ARG A 56 -8.19 -30.71 -7.48
C ARG A 56 -6.91 -29.99 -7.91
N PHE A 57 -6.46 -28.99 -7.15
CA PHE A 57 -5.21 -28.32 -7.53
C PHE A 57 -4.00 -29.22 -7.29
N VAL A 58 -3.93 -29.85 -6.12
CA VAL A 58 -2.79 -30.69 -5.77
C VAL A 58 -2.69 -31.89 -6.70
N GLN A 59 -3.84 -32.51 -7.02
CA GLN A 59 -3.84 -33.66 -7.93
C GLN A 59 -3.51 -33.25 -9.35
N SER A 60 -4.06 -32.12 -9.80
CA SER A 60 -3.74 -31.62 -11.13
C SER A 60 -2.27 -31.25 -11.26
N VAL A 61 -1.68 -30.69 -10.22
CA VAL A 61 -0.26 -30.34 -10.27
C VAL A 61 0.59 -31.61 -10.21
N SER A 62 0.23 -32.55 -9.33
CA SER A 62 1.04 -33.75 -9.18
C SER A 62 1.06 -34.57 -10.46
N ASP A 63 -0.08 -34.66 -11.17
CA ASP A 63 -0.13 -35.41 -12.41
C ASP A 63 0.75 -34.77 -13.48
N GLN A 64 0.77 -33.43 -13.55
CA GLN A 64 1.72 -32.78 -14.44
C GLN A 64 3.16 -32.99 -13.96
N ALA A 65 3.38 -33.06 -12.64
CA ALA A 65 4.72 -33.33 -12.12
C ALA A 65 5.22 -34.71 -12.53
N VAL A 66 4.31 -35.68 -12.68
CA VAL A 66 4.71 -37.03 -13.01
C VAL A 66 5.16 -37.13 -14.47
N GLY A 67 4.44 -36.47 -15.38
CA GLY A 67 4.74 -36.57 -16.79
C GLY A 67 5.77 -35.59 -17.33
N MET A 68 5.92 -34.44 -16.66
CA MET A 68 6.74 -33.38 -17.21
C MET A 68 8.23 -33.71 -17.15
N GLY A 69 8.66 -34.35 -16.08
CA GLY A 69 10.06 -34.68 -15.89
C GLY A 69 10.84 -33.41 -15.61
N LYS A 75 17.22 -27.55 -11.61
CA LYS A 75 16.09 -27.56 -12.54
C LYS A 75 14.81 -28.17 -11.91
N PRO A 76 14.90 -29.33 -11.24
CA PRO A 76 13.65 -29.93 -10.70
C PRO A 76 12.95 -29.08 -9.65
N ASP A 77 13.68 -28.25 -8.89
CA ASP A 77 13.06 -27.43 -7.86
C ASP A 77 12.44 -26.15 -8.44
N GLN A 78 13.21 -25.42 -9.26
CA GLN A 78 12.64 -24.28 -9.97
C GLN A 78 11.47 -24.71 -10.84
N GLN A 79 11.44 -25.99 -11.23
CA GLN A 79 10.42 -26.50 -12.15
C GLN A 79 9.09 -26.73 -11.44
N LEU A 80 9.13 -27.19 -10.19
CA LEU A 80 7.89 -27.34 -9.43
C LEU A 80 7.29 -26.00 -9.08
N VAL A 81 8.14 -25.00 -8.78
CA VAL A 81 7.63 -23.66 -8.53
C VAL A 81 6.91 -23.14 -9.76
N LYS A 82 7.48 -23.40 -10.94
CA LYS A 82 6.88 -22.91 -12.17
C LYS A 82 5.56 -23.62 -12.47
N ILE A 83 5.48 -24.93 -12.20
CA ILE A 83 4.23 -25.63 -12.47
C ILE A 83 3.13 -25.14 -11.55
N VAL A 84 3.48 -24.76 -10.32
CA VAL A 84 2.49 -24.33 -9.35
C VAL A 84 2.02 -22.91 -9.65
N HIS A 85 2.96 -21.99 -9.84
CA HIS A 85 2.60 -20.64 -10.24
C HIS A 85 1.77 -20.64 -11.52
N ASP A 86 2.16 -21.47 -12.48
CA ASP A 86 1.45 -21.49 -13.76
C ASP A 86 0.07 -22.08 -13.62
N GLU A 87 -0.11 -23.04 -12.71
CA GLU A 87 -1.45 -23.60 -12.54
C GLU A 87 -2.39 -22.59 -11.87
N LEU A 88 -1.90 -21.85 -10.87
CA LEU A 88 -2.70 -20.79 -10.28
C LEU A 88 -3.15 -19.77 -11.33
N VAL A 89 -2.21 -19.32 -12.18
CA VAL A 89 -2.54 -18.34 -13.21
C VAL A 89 -3.57 -18.89 -14.18
N LYS A 90 -3.39 -20.15 -14.61
CA LYS A 90 -4.37 -20.78 -15.49
C LYS A 90 -5.74 -20.88 -14.84
N LEU A 91 -5.79 -21.34 -13.59
CA LEU A 91 -7.07 -21.55 -12.93
C LEU A 91 -7.85 -20.26 -12.81
N MET A 92 -7.15 -19.14 -12.66
CA MET A 92 -7.79 -17.87 -12.37
C MET A 92 -8.04 -17.06 -13.63
N GLY A 93 -7.84 -17.64 -14.80
CA GLY A 93 -8.22 -17.04 -16.06
C GLY A 93 -7.10 -16.80 -17.05
N GLY A 94 -5.85 -17.02 -16.67
CA GLY A 94 -4.75 -16.76 -17.59
C GLY A 94 -4.46 -15.29 -17.78
N GLU A 95 -5.37 -14.56 -18.39
CA GLU A 95 -5.16 -13.14 -18.67
C GLU A 95 -6.37 -12.35 -18.19
N VAL A 96 -6.25 -11.01 -18.27
CA VAL A 96 -7.34 -10.15 -17.84
C VAL A 96 -8.58 -10.41 -18.68
N SER A 97 -9.76 -10.39 -18.04
CA SER A 97 -11.04 -10.41 -18.72
C SER A 97 -11.64 -9.01 -18.67
N GLU A 98 -11.97 -8.49 -19.85
CA GLU A 98 -12.49 -7.16 -19.98
C GLU A 98 -13.99 -7.16 -19.71
N LEU A 99 -14.51 -6.02 -19.29
CA LEU A 99 -15.95 -5.87 -19.27
C LEU A 99 -16.47 -5.93 -20.69
N GLN A 100 -17.54 -6.67 -20.88
CA GLN A 100 -18.20 -6.74 -22.18
C GLN A 100 -19.41 -5.83 -22.19
N PHE A 101 -19.58 -5.08 -23.28
CA PHE A 101 -20.62 -4.07 -23.41
C PHE A 101 -21.67 -4.47 -24.43
N ALA A 102 -22.88 -3.96 -24.24
CA ALA A 102 -23.96 -4.24 -25.17
C ALA A 102 -23.66 -3.62 -26.52
N LYS A 103 -23.89 -4.38 -27.58
CA LYS A 103 -23.61 -3.86 -28.91
C LYS A 103 -24.55 -2.72 -29.27
N SER A 104 -25.81 -2.79 -28.86
CA SER A 104 -26.83 -1.91 -29.41
C SER A 104 -27.64 -1.13 -28.40
N GLY A 105 -27.60 -1.47 -27.12
CA GLY A 105 -28.32 -0.70 -26.14
C GLY A 105 -27.43 -0.25 -25.00
N PRO A 106 -28.03 0.23 -23.91
CA PRO A 106 -27.27 0.46 -22.68
C PRO A 106 -26.75 -0.86 -22.12
N THR A 107 -25.47 -0.85 -21.73
CA THR A 107 -24.90 -1.95 -20.99
C THR A 107 -25.49 -1.97 -19.58
N VAL A 108 -26.04 -3.11 -19.17
CA VAL A 108 -26.70 -3.23 -17.87
C VAL A 108 -25.92 -4.17 -16.98
N ILE A 109 -25.50 -3.67 -15.83
CA ILE A 109 -24.65 -4.39 -14.88
C ILE A 109 -25.40 -4.54 -13.56
N LEU A 110 -25.68 -5.78 -13.16
CA LEU A 110 -26.28 -6.10 -11.87
C LEU A 110 -25.18 -6.53 -10.88
N LEU A 111 -25.16 -5.91 -9.71
CA LEU A 111 -24.29 -6.30 -8.60
C LEU A 111 -25.10 -7.04 -7.53
N ALA A 112 -24.50 -8.09 -6.96
CA ALA A 112 -25.11 -8.90 -5.91
C ALA A 112 -24.01 -9.44 -4.98
N GLY A 113 -24.39 -9.88 -3.79
CA GLY A 113 -23.42 -10.46 -2.87
C GLY A 113 -23.93 -10.55 -1.45
N LEU A 114 -23.10 -11.16 -0.60
CA LEU A 114 -23.35 -11.22 0.85
C LEU A 114 -23.37 -9.81 1.44
N GLN A 115 -23.81 -9.70 2.71
CA GLN A 115 -23.88 -8.43 3.43
C GLN A 115 -22.51 -7.89 3.81
N GLY A 116 -22.28 -6.61 3.54
CA GLY A 116 -21.07 -5.93 3.95
C GLY A 116 -19.88 -6.05 3.01
N VAL A 117 -20.01 -6.68 1.83
CA VAL A 117 -18.81 -6.95 1.03
C VAL A 117 -18.34 -5.75 0.22
N GLY A 118 -19.19 -4.73 0.03
CA GLY A 118 -18.79 -3.49 -0.61
C GLY A 118 -19.55 -3.15 -1.87
N LYS A 119 -20.76 -3.70 -2.02
CA LYS A 119 -21.52 -3.56 -3.25
C LYS A 119 -21.83 -2.10 -3.57
N THR A 120 -22.34 -1.36 -2.58
CA THR A 120 -22.77 0.02 -2.83
C THR A 120 -21.57 0.89 -3.18
N THR A 121 -20.43 0.64 -2.53
CA THR A 121 -19.23 1.38 -2.86
C THR A 121 -18.75 1.04 -4.26
N VAL A 122 -18.76 -0.26 -4.62
CA VAL A 122 -18.30 -0.70 -5.94
C VAL A 122 -19.19 -0.16 -7.04
N CYS A 123 -20.49 0.01 -6.76
CA CYS A 123 -21.38 0.61 -7.74
C CYS A 123 -20.84 1.95 -8.21
N ALA A 124 -20.59 2.85 -7.26
CA ALA A 124 -20.09 4.18 -7.62
C ALA A 124 -18.67 4.11 -8.14
N LYS A 125 -17.86 3.17 -7.64
CA LYS A 125 -16.51 3.04 -8.18
C LYS A 125 -16.55 2.66 -9.64
N LEU A 126 -17.48 1.77 -9.98
CA LEU A 126 -17.66 1.28 -11.34
C LEU A 126 -18.11 2.40 -12.25
N ALA A 127 -19.03 3.25 -11.78
CA ALA A 127 -19.43 4.42 -12.54
C ALA A 127 -18.25 5.35 -12.74
N CYS A 128 -17.44 5.55 -11.70
CA CYS A 128 -16.25 6.38 -11.83
C CYS A 128 -15.31 5.79 -12.86
N TYR A 129 -15.14 4.46 -12.82
CA TYR A 129 -14.24 3.76 -13.73
C TYR A 129 -14.71 3.86 -15.19
N LEU A 130 -16.02 3.65 -15.45
CA LEU A 130 -16.55 3.68 -16.81
C LEU A 130 -16.76 5.09 -17.33
N LYS A 131 -17.03 6.05 -16.44
CA LYS A 131 -17.06 7.44 -16.86
C LYS A 131 -15.71 7.88 -17.43
N LYS A 132 -14.61 7.36 -16.88
CA LYS A 132 -13.29 7.73 -17.41
C LYS A 132 -13.04 7.18 -18.80
N GLN A 133 -13.81 6.19 -19.24
CA GLN A 133 -13.67 5.65 -20.60
C GLN A 133 -14.60 6.36 -21.59
N GLY A 134 -15.16 7.51 -21.21
CA GLY A 134 -16.10 8.23 -22.05
C GLY A 134 -17.53 7.77 -21.96
N LYS A 135 -17.79 6.68 -21.25
CA LYS A 135 -19.14 6.15 -21.11
C LYS A 135 -19.94 6.98 -20.11
N SER A 136 -21.18 7.32 -20.48
CA SER A 136 -22.12 7.96 -19.55
C SER A 136 -22.86 6.89 -18.74
N CYS A 137 -23.13 7.19 -17.48
CA CYS A 137 -23.57 6.17 -16.54
C CYS A 137 -24.83 6.62 -15.80
N MET A 138 -25.41 5.67 -15.08
CA MET A 138 -26.55 5.91 -14.20
C MET A 138 -26.55 4.77 -13.20
N LEU A 139 -26.80 5.08 -11.95
CA LEU A 139 -26.94 4.08 -10.91
C LEU A 139 -28.43 3.85 -10.62
N ILE A 140 -28.76 2.67 -10.09
CA ILE A 140 -30.12 2.38 -9.64
C ILE A 140 -30.07 1.98 -8.17
N ALA A 141 -30.75 2.74 -7.30
CA ALA A 141 -30.85 2.43 -5.88
C ALA A 141 -31.87 1.32 -5.65
N GLY A 142 -31.43 0.05 -5.74
CA GLY A 142 -32.31 -1.09 -5.51
C GLY A 142 -32.30 -1.71 -4.12
N ASP A 143 -31.66 -1.07 -3.12
CA ASP A 143 -31.67 -1.53 -1.72
C ASP A 143 -32.71 -0.76 -0.94
N VAL A 144 -33.86 -1.39 -0.67
CA VAL A 144 -34.95 -0.72 0.05
C VAL A 144 -35.09 -1.22 1.48
N TYR A 145 -34.20 -2.11 1.95
CA TYR A 145 -34.23 -2.68 3.31
C TYR A 145 -33.30 -1.97 4.28
N ARG A 146 -32.00 -1.91 3.96
CA ARG A 146 -31.02 -1.37 4.90
C ARG A 146 -31.32 0.10 5.17
N PRO A 147 -31.15 0.57 6.42
CA PRO A 147 -31.37 1.99 6.72
C PRO A 147 -30.35 2.88 6.02
N ALA A 148 -30.82 3.97 5.42
CA ALA A 148 -29.99 4.97 4.73
C ALA A 148 -29.19 4.39 3.57
N ALA A 149 -29.59 3.25 3.02
CA ALA A 149 -28.85 2.67 1.91
C ALA A 149 -29.03 3.49 0.63
N ILE A 150 -30.27 3.92 0.34
CA ILE A 150 -30.50 4.78 -0.80
C ILE A 150 -29.68 6.05 -0.68
N ASP A 151 -29.77 6.71 0.48
CA ASP A 151 -29.02 7.95 0.74
C ASP A 151 -27.52 7.74 0.62
N GLN A 152 -27.02 6.55 1.00
CA GLN A 152 -25.61 6.27 0.80
C GLN A 152 -25.28 6.27 -0.69
N LEU A 153 -26.10 5.61 -1.51
CA LEU A 153 -25.79 5.55 -2.94
C LEU A 153 -25.94 6.93 -3.57
N VAL A 154 -26.95 7.69 -3.14
CA VAL A 154 -27.18 9.01 -3.71
C VAL A 154 -25.97 9.91 -3.44
N ILE A 155 -25.37 9.79 -2.26
CA ILE A 155 -24.21 10.63 -1.91
C ILE A 155 -23.00 10.25 -2.75
N LEU A 156 -22.74 8.95 -2.88
CA LEU A 156 -21.62 8.49 -3.70
C LEU A 156 -21.80 8.90 -5.16
N GLY A 157 -23.03 8.84 -5.67
CA GLY A 157 -23.27 9.25 -7.03
C GLY A 157 -22.94 10.70 -7.27
N GLU A 158 -23.30 11.57 -6.32
CA GLU A 158 -22.98 12.99 -6.45
C GLU A 158 -21.48 13.23 -6.41
N GLN A 159 -20.74 12.37 -5.70
CA GLN A 159 -19.28 12.49 -5.65
C GLN A 159 -18.64 12.20 -6.99
N VAL A 160 -19.07 11.13 -7.67
CA VAL A 160 -18.52 10.78 -8.97
C VAL A 160 -19.27 11.43 -10.13
N GLY A 161 -20.30 12.22 -9.83
CA GLY A 161 -21.04 12.94 -10.87
C GLY A 161 -21.80 12.04 -11.84
N VAL A 162 -22.59 11.10 -11.32
CA VAL A 162 -23.50 10.28 -12.12
C VAL A 162 -24.90 10.31 -11.51
N PRO A 163 -25.96 10.38 -12.31
CA PRO A 163 -27.30 10.38 -11.73
C PRO A 163 -27.63 9.04 -11.09
N VAL A 164 -28.49 9.11 -10.08
CA VAL A 164 -28.95 7.96 -9.30
C VAL A 164 -30.46 7.91 -9.39
N TYR A 165 -30.98 6.80 -9.92
CA TYR A 165 -32.44 6.61 -9.98
C TYR A 165 -32.98 6.04 -8.67
N THR A 166 -33.96 6.72 -8.09
CA THR A 166 -34.58 6.29 -6.84
C THR A 166 -36.10 6.21 -7.00
N ALA A 167 -36.71 5.38 -6.18
CA ALA A 167 -38.15 5.20 -6.21
C ALA A 167 -38.74 5.44 -4.82
N GLY A 168 -40.07 5.64 -4.81
CA GLY A 168 -40.78 5.79 -3.57
C GLY A 168 -40.75 4.54 -2.72
N THR A 169 -41.10 4.70 -1.45
CA THR A 169 -41.25 3.56 -0.58
C THR A 169 -42.37 2.65 -1.12
N ASP A 170 -42.19 1.35 -0.92
CA ASP A 170 -43.18 0.34 -1.33
C ASP A 170 -43.32 0.23 -2.84
N VAL A 171 -42.24 0.44 -3.58
CA VAL A 171 -42.10 -0.16 -4.91
C VAL A 171 -40.93 -1.15 -4.77
N LYS A 172 -41.20 -2.42 -5.07
CA LYS A 172 -40.27 -3.49 -4.76
C LYS A 172 -39.04 -3.43 -5.66
N PRO A 173 -37.95 -4.12 -5.30
CA PRO A 173 -36.75 -4.09 -6.16
C PRO A 173 -36.99 -4.50 -7.60
N ALA A 174 -37.82 -5.52 -7.84
CA ALA A 174 -38.04 -5.94 -9.22
C ALA A 174 -38.66 -4.82 -10.02
N ASP A 175 -39.52 -4.01 -9.40
CA ASP A 175 -40.16 -2.90 -10.11
C ASP A 175 -39.26 -1.67 -10.24
N ILE A 176 -38.34 -1.43 -9.30
CA ILE A 176 -37.41 -0.32 -9.52
C ILE A 176 -36.40 -0.69 -10.61
N ALA A 177 -36.11 -1.99 -10.77
CA ALA A 177 -35.30 -2.44 -11.91
C ALA A 177 -36.00 -2.11 -13.23
N LYS A 178 -37.28 -2.43 -13.33
CA LYS A 178 -38.06 -2.11 -14.50
C LYS A 178 -38.03 -0.61 -14.79
N GLN A 179 -38.38 0.22 -13.80
CA GLN A 179 -38.51 1.65 -14.02
C GLN A 179 -37.15 2.32 -14.23
N GLY A 180 -36.12 1.88 -13.51
CA GLY A 180 -34.80 2.45 -13.72
C GLY A 180 -34.25 2.15 -15.11
N LEU A 181 -34.51 0.94 -15.61
CA LEU A 181 -34.07 0.58 -16.95
C LEU A 181 -34.78 1.43 -18.01
N LYS A 182 -36.07 1.69 -17.84
CA LYS A 182 -36.78 2.56 -18.77
C LYS A 182 -36.20 3.97 -18.75
N GLU A 183 -35.88 4.49 -17.56
CA GLU A 183 -35.29 5.82 -17.47
C GLU A 183 -33.94 5.88 -18.19
N ALA A 184 -33.17 4.80 -18.08
CA ALA A 184 -31.87 4.70 -18.75
C ALA A 184 -32.00 4.72 -20.27
N LYS A 185 -32.96 3.95 -20.81
CA LYS A 185 -33.15 3.91 -22.26
C LYS A 185 -33.68 5.22 -22.80
N LYS A 186 -34.50 5.92 -22.01
CA LYS A 186 -35.03 7.21 -22.47
C LYS A 186 -33.94 8.26 -22.52
N ASN A 187 -32.98 8.19 -21.61
CA ASN A 187 -31.91 9.18 -21.56
C ASN A 187 -30.68 8.75 -22.36
N ASN A 188 -30.75 7.65 -23.09
CA ASN A 188 -29.66 7.21 -23.96
C ASN A 188 -28.35 7.10 -23.19
N VAL A 189 -28.41 6.41 -22.05
CA VAL A 189 -27.25 6.19 -21.19
C VAL A 189 -26.46 5.01 -21.73
N ASP A 190 -25.13 5.09 -21.63
CA ASP A 190 -24.28 4.00 -22.10
C ASP A 190 -24.30 2.83 -21.14
N VAL A 191 -24.32 3.11 -19.83
CA VAL A 191 -24.17 2.07 -18.81
C VAL A 191 -25.16 2.31 -17.67
N VAL A 192 -25.86 1.24 -17.26
CA VAL A 192 -26.69 1.19 -16.06
C VAL A 192 -26.06 0.23 -15.08
N ILE A 193 -25.96 0.64 -13.81
CA ILE A 193 -25.38 -0.17 -12.74
C ILE A 193 -26.42 -0.25 -11.61
N MET A 194 -26.90 -1.44 -11.30
CA MET A 194 -27.90 -1.57 -10.25
C MET A 194 -27.26 -2.13 -8.99
N ASP A 195 -27.37 -1.38 -7.88
CA ASP A 195 -27.02 -1.84 -6.55
C ASP A 195 -28.16 -2.67 -5.96
N THR A 196 -27.83 -3.74 -5.25
CA THR A 196 -28.83 -4.55 -4.56
C THR A 196 -28.44 -4.73 -3.09
N ALA A 197 -29.45 -4.99 -2.25
CA ALA A 197 -29.19 -5.32 -0.85
C ALA A 197 -28.39 -6.62 -0.73
N GLY A 198 -27.57 -6.70 0.33
CA GLY A 198 -26.95 -7.97 0.68
C GLY A 198 -27.98 -8.99 1.12
N ARG A 199 -27.67 -10.26 0.85
CA ARG A 199 -28.62 -11.33 1.12
C ARG A 199 -27.83 -12.61 1.34
N LEU A 200 -28.36 -13.50 2.17
CA LEU A 200 -27.77 -14.82 2.29
C LEU A 200 -28.05 -15.63 1.01
N GLN A 201 -27.03 -16.34 0.53
CA GLN A 201 -27.25 -17.19 -0.65
C GLN A 201 -28.21 -18.32 -0.33
N ILE A 202 -28.46 -18.61 0.95
CA ILE A 202 -29.42 -19.64 1.35
C ILE A 202 -30.79 -19.06 1.70
N ASP A 203 -30.99 -17.76 1.53
CA ASP A 203 -32.27 -17.11 1.82
C ASP A 203 -33.15 -17.19 0.57
N LYS A 204 -34.07 -18.16 0.55
CA LYS A 204 -34.83 -18.45 -0.67
C LYS A 204 -35.67 -17.25 -1.13
N GLY A 205 -36.38 -16.59 -0.22
CA GLY A 205 -37.15 -15.42 -0.63
C GLY A 205 -36.28 -14.33 -1.25
N MET A 206 -35.15 -14.02 -0.62
CA MET A 206 -34.33 -12.91 -1.13
C MET A 206 -33.59 -13.31 -2.40
N MET A 207 -33.18 -14.58 -2.52
CA MET A 207 -32.61 -15.04 -3.78
C MET A 207 -33.65 -15.02 -4.89
N ASP A 208 -34.89 -15.42 -4.57
CA ASP A 208 -35.98 -15.29 -5.53
C ASP A 208 -36.19 -13.85 -5.97
N GLU A 209 -36.02 -12.89 -5.05
CA GLU A 209 -36.13 -11.49 -5.44
C GLU A 209 -35.00 -11.09 -6.38
N LEU A 210 -33.79 -11.59 -6.12
CA LEU A 210 -32.67 -11.29 -7.00
C LEU A 210 -32.93 -11.82 -8.42
N LYS A 211 -33.44 -13.06 -8.54
CA LYS A 211 -33.86 -13.59 -9.84
C LYS A 211 -34.81 -12.66 -10.57
N ASP A 212 -35.76 -12.07 -9.86
CA ASP A 212 -36.78 -11.23 -10.49
C ASP A 212 -36.17 -9.93 -10.99
N VAL A 213 -35.34 -9.30 -10.16
CA VAL A 213 -34.51 -8.17 -10.57
C VAL A 213 -33.74 -8.49 -11.85
N LYS A 214 -33.08 -9.65 -11.90
CA LYS A 214 -32.29 -9.97 -13.09
C LYS A 214 -33.19 -10.15 -14.30
N LYS A 215 -34.31 -10.85 -14.14
CA LYS A 215 -35.23 -11.09 -15.24
C LYS A 215 -35.72 -9.79 -15.88
N PHE A 216 -36.01 -8.77 -15.07
CA PHE A 216 -36.51 -7.49 -15.57
C PHE A 216 -35.40 -6.55 -15.99
N LEU A 217 -34.19 -6.72 -15.45
CA LEU A 217 -33.06 -5.93 -15.92
C LEU A 217 -32.57 -6.41 -17.27
N ASN A 218 -32.59 -7.72 -17.47
CA ASN A 218 -31.96 -8.39 -18.62
C ASN A 218 -30.52 -7.95 -18.81
N PRO A 219 -29.66 -8.11 -17.80
CA PRO A 219 -28.40 -7.40 -17.77
C PRO A 219 -27.37 -8.01 -18.72
N THR A 220 -26.41 -7.17 -19.11
CA THR A 220 -25.27 -7.67 -19.88
C THR A 220 -24.27 -8.37 -18.98
N GLU A 221 -24.06 -7.83 -17.78
CA GLU A 221 -23.15 -8.36 -16.77
C GLU A 221 -23.92 -8.57 -15.48
N VAL A 222 -23.72 -9.71 -14.82
CA VAL A 222 -24.13 -9.92 -13.44
C VAL A 222 -22.87 -10.24 -12.65
N LEU A 223 -22.43 -9.31 -11.82
CA LEU A 223 -21.14 -9.45 -11.15
C LEU A 223 -21.34 -9.77 -9.67
N LEU A 224 -20.83 -10.92 -9.25
CA LEU A 224 -20.82 -11.24 -7.83
C LEU A 224 -19.71 -10.46 -7.18
N VAL A 225 -20.04 -9.69 -6.14
CA VAL A 225 -19.03 -8.99 -5.35
C VAL A 225 -18.61 -9.92 -4.21
N VAL A 226 -17.32 -10.20 -4.12
CA VAL A 226 -16.79 -11.16 -3.16
C VAL A 226 -15.68 -10.51 -2.33
N ASP A 227 -15.78 -10.66 -1.01
CA ASP A 227 -14.80 -10.12 -0.06
C ASP A 227 -13.52 -10.95 -0.09
N ALA A 228 -12.35 -10.29 -0.26
CA ALA A 228 -11.10 -11.06 -0.31
C ALA A 228 -10.76 -11.77 1.00
N MET A 229 -11.37 -11.40 2.11
CA MET A 229 -11.16 -12.08 3.39
C MET A 229 -12.08 -13.28 3.59
N THR A 230 -12.92 -13.58 2.60
CA THR A 230 -13.88 -14.67 2.74
C THR A 230 -13.14 -15.98 2.95
N GLY A 231 -13.68 -16.81 3.83
CA GLY A 231 -13.05 -18.08 4.14
C GLY A 231 -13.54 -19.19 3.26
N GLN A 232 -13.69 -20.38 3.84
CA GLN A 232 -13.99 -21.61 3.08
C GLN A 232 -15.35 -21.62 2.40
N GLU A 233 -16.27 -20.72 2.75
CA GLU A 233 -17.56 -20.82 2.09
C GLU A 233 -17.52 -20.34 0.64
N ALA A 234 -16.41 -19.73 0.21
CA ALA A 234 -16.36 -19.05 -1.08
C ALA A 234 -16.80 -19.95 -2.25
N ALA A 235 -16.29 -21.19 -2.32
CA ALA A 235 -16.71 -22.09 -3.39
C ALA A 235 -18.22 -22.35 -3.37
N ALA A 236 -18.79 -22.64 -2.19
CA ALA A 236 -20.23 -22.88 -2.15
C ALA A 236 -21.02 -21.62 -2.43
N LEU A 237 -20.45 -20.47 -2.09
CA LEU A 237 -21.11 -19.18 -2.29
C LEU A 237 -21.27 -18.88 -3.78
N VAL A 238 -20.16 -18.93 -4.53
CA VAL A 238 -20.20 -18.72 -5.98
C VAL A 238 -21.15 -19.71 -6.64
N THR A 239 -21.02 -21.00 -6.31
CA THR A 239 -21.84 -22.03 -6.93
C THR A 239 -23.34 -21.77 -6.75
N THR A 240 -23.75 -21.39 -5.53
CA THR A 240 -25.18 -21.11 -5.31
C THR A 240 -25.63 -19.88 -6.10
N PHE A 241 -24.82 -18.82 -6.12
CA PHE A 241 -25.21 -17.63 -6.87
C PHE A 241 -25.25 -17.92 -8.36
N ASN A 242 -24.27 -18.68 -8.85
CA ASN A 242 -24.24 -18.99 -10.26
C ASN A 242 -25.39 -19.91 -10.66
N VAL A 243 -25.76 -20.86 -9.79
CA VAL A 243 -26.81 -21.81 -10.13
C VAL A 243 -28.19 -21.16 -10.04
N GLU A 244 -28.42 -20.33 -9.01
CA GLU A 244 -29.75 -19.74 -8.82
C GLU A 244 -29.96 -18.46 -9.62
N ILE A 245 -28.89 -17.70 -9.90
CA ILE A 245 -28.98 -16.44 -10.61
C ILE A 245 -28.29 -16.49 -11.96
N GLY A 246 -27.15 -17.14 -12.03
CA GLY A 246 -26.35 -17.09 -13.24
C GLY A 246 -25.56 -15.81 -13.23
N ILE A 247 -24.23 -15.92 -13.13
CA ILE A 247 -23.36 -14.75 -13.09
C ILE A 247 -22.50 -14.74 -14.36
N THR A 248 -21.96 -13.56 -14.66
CA THR A 248 -21.01 -13.42 -15.76
C THR A 248 -19.59 -13.14 -15.30
N GLY A 249 -19.37 -12.93 -14.01
CA GLY A 249 -18.04 -12.62 -13.53
C GLY A 249 -18.11 -12.15 -12.08
N ALA A 250 -16.98 -11.64 -11.59
CA ALA A 250 -16.94 -11.24 -10.19
C ALA A 250 -16.05 -10.02 -10.00
N ILE A 251 -16.27 -9.36 -8.86
CA ILE A 251 -15.47 -8.23 -8.38
C ILE A 251 -15.00 -8.56 -6.97
N LEU A 252 -13.69 -8.48 -6.75
CA LEU A 252 -13.06 -8.85 -5.49
C LEU A 252 -12.65 -7.60 -4.71
N THR A 253 -13.12 -7.47 -3.48
CA THR A 253 -12.94 -6.21 -2.75
C THR A 253 -12.02 -6.39 -1.55
N LYS A 254 -11.55 -5.23 -1.04
CA LYS A 254 -10.75 -5.14 0.19
C LYS A 254 -9.38 -5.79 0.03
N LEU A 255 -8.81 -5.74 -1.18
CA LEU A 255 -7.47 -6.27 -1.41
C LEU A 255 -6.38 -5.42 -0.79
N ASP A 256 -6.70 -4.21 -0.33
CA ASP A 256 -5.76 -3.49 0.53
C ASP A 256 -5.64 -4.12 1.92
N GLY A 257 -6.48 -5.10 2.26
CA GLY A 257 -6.24 -5.90 3.45
C GLY A 257 -4.96 -6.71 3.34
N ASP A 258 -4.75 -7.57 4.34
CA ASP A 258 -3.58 -8.45 4.36
C ASP A 258 -3.93 -9.94 4.29
N SER A 259 -5.16 -10.28 3.89
CA SER A 259 -5.48 -11.68 3.62
C SER A 259 -4.81 -12.11 2.33
N ARG A 260 -4.47 -13.40 2.26
CA ARG A 260 -3.85 -13.94 1.05
C ARG A 260 -4.84 -14.02 -0.11
N GLY A 261 -6.14 -13.97 0.14
CA GLY A 261 -7.11 -13.92 -0.95
C GLY A 261 -7.43 -15.25 -1.63
N GLY A 262 -7.22 -16.38 -0.96
CA GLY A 262 -7.55 -17.68 -1.55
C GLY A 262 -8.97 -17.82 -2.06
N ALA A 263 -9.90 -16.97 -1.59
CA ALA A 263 -11.24 -16.97 -2.18
C ALA A 263 -11.20 -16.74 -3.68
N ALA A 264 -10.16 -16.07 -4.18
CA ALA A 264 -10.06 -15.77 -5.61
C ALA A 264 -9.95 -17.04 -6.45
N LEU A 265 -9.28 -18.06 -5.92
CA LEU A 265 -9.04 -19.28 -6.67
C LEU A 265 -10.32 -20.07 -6.97
N SER A 266 -11.39 -19.89 -6.19
CA SER A 266 -12.62 -20.67 -6.39
C SER A 266 -13.50 -20.14 -7.51
N VAL A 267 -13.45 -18.83 -7.78
CA VAL A 267 -14.48 -18.17 -8.57
C VAL A 267 -14.57 -18.77 -9.98
N LYS A 268 -13.47 -18.73 -10.73
CA LYS A 268 -13.51 -19.29 -12.08
C LYS A 268 -13.52 -20.80 -12.08
N GLU A 269 -12.93 -21.45 -11.06
CA GLU A 269 -12.93 -22.92 -11.03
C GLU A 269 -14.34 -23.50 -10.80
N VAL A 270 -15.17 -22.89 -9.95
CA VAL A 270 -16.50 -23.45 -9.75
C VAL A 270 -17.56 -22.89 -10.68
N SER A 271 -17.35 -21.69 -11.27
CA SER A 271 -18.40 -21.07 -12.06
C SER A 271 -18.07 -20.89 -13.54
N GLY A 272 -16.81 -21.00 -13.94
CA GLY A 272 -16.43 -20.67 -15.30
C GLY A 272 -16.33 -19.20 -15.61
N LYS A 273 -16.78 -18.29 -14.68
CA LYS A 273 -16.70 -16.87 -14.99
C LYS A 273 -15.49 -16.25 -14.31
N PRO A 274 -14.83 -15.31 -14.95
CA PRO A 274 -13.61 -14.72 -14.38
C PRO A 274 -13.95 -13.65 -13.35
N ILE A 275 -12.99 -13.44 -12.44
CA ILE A 275 -12.88 -12.18 -11.74
C ILE A 275 -12.44 -11.11 -12.72
N LYS A 276 -13.18 -9.99 -12.79
CA LYS A 276 -12.86 -8.94 -13.74
C LYS A 276 -12.26 -7.68 -13.12
N LEU A 277 -12.55 -7.39 -11.84
CA LEU A 277 -12.09 -6.18 -11.18
C LEU A 277 -11.77 -6.45 -9.72
N VAL A 278 -10.87 -5.64 -9.17
CA VAL A 278 -10.58 -5.68 -7.74
C VAL A 278 -10.73 -4.27 -7.20
N GLY A 279 -11.16 -4.19 -5.95
CA GLY A 279 -11.14 -2.95 -5.17
C GLY A 279 -10.04 -3.06 -4.13
N ARG A 280 -9.30 -1.97 -3.94
CA ARG A 280 -8.30 -1.91 -2.88
C ARG A 280 -8.33 -0.54 -2.21
N GLY A 281 -9.48 -0.17 -1.67
CA GLY A 281 -9.56 0.99 -0.80
C GLY A 281 -10.97 1.54 -0.79
N GLU A 282 -11.13 2.62 -0.04
CA GLU A 282 -12.43 3.26 0.07
C GLU A 282 -12.63 4.45 -0.86
N ARG A 283 -11.58 4.95 -1.53
CA ARG A 283 -11.73 6.04 -2.48
C ARG A 283 -12.43 5.58 -3.76
N MET A 284 -13.12 6.51 -4.42
CA MET A 284 -13.84 6.19 -5.66
C MET A 284 -12.94 5.68 -6.78
N GLU A 285 -11.65 6.04 -6.79
CA GLU A 285 -10.74 5.59 -7.84
C GLU A 285 -10.18 4.19 -7.60
N ASP A 286 -10.40 3.58 -6.44
CA ASP A 286 -9.72 2.33 -6.11
C ASP A 286 -10.39 1.13 -6.76
N LEU A 287 -10.55 1.17 -8.09
CA LEU A 287 -11.05 0.04 -8.87
C LEU A 287 -10.06 -0.23 -9.99
N GLU A 288 -9.62 -1.48 -10.11
CA GLU A 288 -8.57 -1.90 -11.03
C GLU A 288 -8.95 -3.20 -11.72
N PRO A 289 -8.35 -3.50 -12.87
CA PRO A 289 -8.49 -4.84 -13.44
C PRO A 289 -7.87 -5.92 -12.55
N PHE A 290 -8.42 -7.13 -12.65
CA PHE A 290 -7.90 -8.31 -11.96
C PHE A 290 -6.83 -8.96 -12.84
N TYR A 291 -5.63 -9.10 -12.29
CA TYR A 291 -4.50 -9.71 -13.00
C TYR A 291 -4.24 -11.08 -12.41
N PRO A 292 -4.60 -12.16 -13.10
CA PRO A 292 -4.36 -13.51 -12.55
C PRO A 292 -2.94 -13.72 -12.06
N ASP A 293 -1.98 -13.13 -12.77
CA ASP A 293 -0.58 -13.27 -12.40
C ASP A 293 -0.30 -12.65 -11.03
N ARG A 294 -0.80 -11.43 -10.80
CA ARG A 294 -0.59 -10.76 -9.52
C ARG A 294 -1.25 -11.50 -8.37
N MET A 295 -2.47 -12.02 -8.60
CA MET A 295 -3.16 -12.80 -7.58
C MET A 295 -2.40 -14.08 -7.25
N ALA A 296 -1.79 -14.72 -8.25
CA ALA A 296 -1.03 -15.94 -8.01
C ALA A 296 0.11 -15.67 -7.04
N GLY A 297 0.88 -14.62 -7.28
CA GLY A 297 1.95 -14.30 -6.37
C GLY A 297 1.46 -13.93 -4.99
N ARG A 298 0.26 -13.33 -4.91
CA ARG A 298 -0.28 -12.94 -3.62
C ARG A 298 -0.72 -14.17 -2.81
N ILE A 299 -1.24 -15.19 -3.50
CA ILE A 299 -1.76 -16.36 -2.82
C ILE A 299 -0.61 -17.22 -2.28
N LEU A 300 0.47 -17.37 -3.03
CA LEU A 300 1.69 -17.97 -2.52
C LEU A 300 2.65 -16.96 -1.90
N GLY A 301 2.16 -15.84 -1.37
CA GLY A 301 3.02 -14.82 -0.81
C GLY A 301 3.41 -15.03 0.64
N HIS B 4 -30.45 -30.10 4.95
CA HIS B 4 -30.46 -30.56 6.34
C HIS B 4 -29.69 -31.88 6.54
N HIS B 5 -28.38 -31.89 6.23
CA HIS B 5 -27.48 -33.00 6.53
C HIS B 5 -26.53 -32.60 7.65
N HIS B 6 -26.48 -33.42 8.70
CA HIS B 6 -25.55 -33.18 9.80
C HIS B 6 -24.24 -33.89 9.47
N VAL B 7 -23.28 -33.12 8.94
CA VAL B 7 -22.02 -33.69 8.42
C VAL B 7 -21.32 -34.54 9.48
N ILE B 8 -21.07 -33.95 10.66
CA ILE B 8 -20.27 -34.61 11.69
C ILE B 8 -21.00 -35.82 12.31
N ASP B 9 -22.31 -35.69 12.57
CA ASP B 9 -23.10 -36.87 12.97
C ASP B 9 -22.93 -38.02 12.00
N GLU B 10 -22.95 -37.74 10.69
CA GLU B 10 -23.00 -38.80 9.69
C GLU B 10 -21.65 -39.48 9.46
N LEU B 11 -20.54 -38.73 9.49
CA LEU B 11 -19.25 -39.38 9.35
C LEU B 11 -18.90 -40.20 10.59
N LEU B 12 -19.29 -39.75 11.78
CA LEU B 12 -19.01 -40.52 12.99
C LEU B 12 -19.89 -41.75 13.11
N LEU B 13 -21.01 -41.83 12.39
CA LEU B 13 -21.77 -43.07 12.43
C LEU B 13 -20.96 -44.25 11.92
N PHE B 14 -19.94 -43.98 11.07
CA PHE B 14 -19.13 -45.04 10.49
C PHE B 14 -18.10 -45.59 11.46
N TRP B 15 -17.88 -44.97 12.62
CA TRP B 15 -16.73 -45.30 13.45
C TRP B 15 -16.84 -46.69 14.09
N ASN B 16 -15.76 -47.46 13.93
CA ASN B 16 -15.36 -48.50 14.87
C ASN B 16 -13.85 -48.39 14.99
N LEU B 17 -13.25 -49.17 15.91
CA LEU B 17 -11.83 -49.00 16.18
C LEU B 17 -10.99 -49.14 14.90
N ALA B 18 -11.40 -50.04 14.01
CA ALA B 18 -10.65 -50.30 12.78
C ALA B 18 -10.84 -49.23 11.72
N GLU B 19 -11.88 -48.38 11.84
CA GLU B 19 -12.16 -47.32 10.89
C GLU B 19 -11.67 -45.95 11.36
N THR B 20 -10.87 -45.92 12.42
CA THR B 20 -10.50 -44.67 13.09
C THR B 20 -9.83 -43.69 12.13
N ASP B 21 -8.86 -44.17 11.36
CA ASP B 21 -8.15 -43.28 10.44
C ASP B 21 -9.05 -42.78 9.33
N ARG B 22 -9.85 -43.66 8.74
CA ARG B 22 -10.78 -43.26 7.68
C ARG B 22 -11.81 -42.24 8.19
N VAL B 23 -12.31 -42.43 9.42
CA VAL B 23 -13.27 -41.48 9.99
C VAL B 23 -12.59 -40.15 10.34
N LEU B 24 -11.41 -40.19 10.99
CA LEU B 24 -10.75 -38.93 11.35
C LEU B 24 -10.28 -38.14 10.12
N ASP B 25 -9.94 -38.81 9.02
CA ASP B 25 -9.72 -38.09 7.77
C ASP B 25 -10.96 -37.29 7.37
N GLU B 26 -12.14 -37.92 7.45
CA GLU B 26 -13.38 -37.22 7.14
C GLU B 26 -13.64 -36.10 8.13
N LEU B 27 -13.38 -36.34 9.42
CA LEU B 27 -13.55 -35.31 10.44
C LEU B 27 -12.64 -34.13 10.21
N GLU B 28 -11.41 -34.39 9.76
CA GLU B 28 -10.47 -33.31 9.45
C GLU B 28 -10.99 -32.41 8.33
N GLU B 29 -11.46 -33.00 7.23
CA GLU B 29 -12.05 -32.18 6.17
C GLU B 29 -13.25 -31.38 6.67
N ALA B 30 -14.07 -31.98 7.54
CA ALA B 30 -15.24 -31.27 8.06
C ALA B 30 -14.85 -30.04 8.88
N LEU B 31 -13.75 -30.13 9.66
CA LEU B 31 -13.33 -28.98 10.45
C LEU B 31 -12.69 -27.90 9.59
N LEU B 32 -11.85 -28.28 8.62
CA LEU B 32 -11.28 -27.29 7.71
C LEU B 32 -12.37 -26.49 7.02
N VAL B 33 -13.45 -27.16 6.60
CA VAL B 33 -14.54 -26.54 5.86
C VAL B 33 -15.33 -25.58 6.77
N SER B 34 -15.22 -25.75 8.06
CA SER B 34 -15.79 -24.83 9.03
C SER B 34 -14.83 -23.70 9.44
N ASP B 35 -13.69 -23.55 8.76
CA ASP B 35 -12.78 -22.41 8.99
C ASP B 35 -12.03 -22.50 10.32
N PHE B 36 -11.80 -23.71 10.84
CA PHE B 36 -10.92 -23.85 11.98
C PHE B 36 -9.46 -23.60 11.61
N GLY B 37 -9.07 -23.83 10.35
CA GLY B 37 -7.69 -23.73 9.94
C GLY B 37 -6.93 -25.03 10.16
N PRO B 38 -5.85 -25.23 9.43
CA PRO B 38 -5.10 -26.49 9.59
C PRO B 38 -4.45 -26.65 10.96
N LYS B 39 -3.93 -25.58 11.58
CA LYS B 39 -3.21 -25.73 12.85
C LYS B 39 -4.14 -26.25 13.96
N ILE B 40 -5.28 -25.60 14.16
CA ILE B 40 -6.22 -26.06 15.19
C ILE B 40 -6.77 -27.44 14.83
N THR B 41 -7.08 -27.66 13.56
CA THR B 41 -7.65 -28.94 13.15
C THR B 41 -6.72 -30.10 13.44
N VAL B 42 -5.44 -29.94 13.15
CA VAL B 42 -4.46 -31.00 13.42
C VAL B 42 -4.38 -31.31 14.92
N ARG B 43 -4.36 -30.27 15.76
CA ARG B 43 -4.36 -30.47 17.22
C ARG B 43 -5.59 -31.22 17.69
N ILE B 44 -6.79 -30.75 17.30
CA ILE B 44 -8.02 -31.41 17.71
C ILE B 44 -8.01 -32.87 17.28
N VAL B 45 -7.73 -33.12 16.00
CA VAL B 45 -7.80 -34.46 15.44
C VAL B 45 -6.77 -35.38 16.10
N GLU B 46 -5.57 -34.86 16.36
CA GLU B 46 -4.54 -35.70 16.94
C GLU B 46 -4.87 -36.07 18.38
N ARG B 47 -5.46 -35.15 19.13
CA ARG B 47 -5.87 -35.48 20.50
C ARG B 47 -7.01 -36.50 20.50
N LEU B 48 -7.91 -36.43 19.52
CA LEU B 48 -8.97 -37.43 19.42
C LEU B 48 -8.42 -38.80 19.05
N ARG B 49 -7.40 -38.84 18.19
CA ARG B 49 -6.83 -40.13 17.77
C ARG B 49 -6.11 -40.81 18.94
N GLU B 50 -5.46 -40.04 19.81
CA GLU B 50 -4.83 -40.63 20.97
C GLU B 50 -5.87 -41.17 21.95
N ASP B 51 -6.97 -40.43 22.16
CA ASP B 51 -8.00 -40.87 23.11
C ASP B 51 -8.84 -42.01 22.57
N ILE B 52 -8.95 -42.15 21.25
CA ILE B 52 -9.53 -43.35 20.66
C ILE B 52 -8.60 -44.54 20.85
N MET B 53 -7.31 -44.35 20.55
CA MET B 53 -6.36 -45.47 20.56
C MET B 53 -6.06 -45.97 21.98
N SER B 54 -6.21 -45.12 22.99
CA SER B 54 -6.06 -45.61 24.34
C SER B 54 -7.32 -46.20 24.91
N GLY B 55 -8.40 -46.26 24.12
CA GLY B 55 -9.66 -46.85 24.56
C GLY B 55 -10.51 -45.99 25.45
N LYS B 56 -10.19 -44.70 25.58
CA LYS B 56 -11.02 -43.81 26.38
C LYS B 56 -12.32 -43.47 25.65
N LEU B 57 -12.26 -43.28 24.34
CA LEU B 57 -13.44 -42.96 23.54
C LEU B 57 -13.89 -44.21 22.81
N LYS B 58 -15.12 -44.65 23.09
CA LYS B 58 -15.55 -45.99 22.74
C LYS B 58 -16.76 -45.99 21.81
N SER B 59 -17.27 -44.84 21.42
CA SER B 59 -18.39 -44.81 20.49
C SER B 59 -18.34 -43.51 19.71
N GLY B 60 -19.13 -43.48 18.64
CA GLY B 60 -19.30 -42.24 17.89
C GLY B 60 -19.71 -41.06 18.74
N SER B 61 -20.58 -41.28 19.74
CA SER B 61 -21.01 -40.11 20.53
C SER B 61 -19.97 -39.70 21.58
N GLU B 62 -19.19 -40.63 22.12
CA GLU B 62 -18.08 -40.20 22.98
C GLU B 62 -17.05 -39.39 22.20
N ILE B 63 -16.82 -39.75 20.93
CA ILE B 63 -15.89 -38.99 20.10
C ILE B 63 -16.42 -37.59 19.88
N LYS B 64 -17.71 -37.48 19.54
CA LYS B 64 -18.32 -36.18 19.32
C LYS B 64 -18.36 -35.36 20.62
N ASP B 65 -18.58 -36.02 21.76
CA ASP B 65 -18.51 -35.29 23.03
C ASP B 65 -17.10 -34.79 23.31
N ALA B 66 -16.08 -35.61 23.03
CA ALA B 66 -14.70 -35.18 23.22
C ALA B 66 -14.31 -34.10 22.22
N LEU B 67 -14.87 -34.13 21.02
CA LEU B 67 -14.66 -33.06 20.07
C LEU B 67 -15.24 -31.74 20.62
N LYS B 68 -16.48 -31.80 21.10
CA LYS B 68 -17.09 -30.62 21.72
C LYS B 68 -16.29 -30.15 22.91
N GLU B 69 -15.77 -31.08 23.72
CA GLU B 69 -15.05 -30.72 24.91
C GLU B 69 -13.77 -29.96 24.57
N SER B 70 -13.10 -30.34 23.49
CA SER B 70 -11.81 -29.69 23.23
C SER B 70 -11.99 -28.25 22.72
N VAL B 71 -13.06 -27.98 21.98
CA VAL B 71 -13.31 -26.62 21.53
C VAL B 71 -13.83 -25.77 22.67
N LEU B 72 -14.71 -26.33 23.51
CA LEU B 72 -15.12 -25.61 24.71
C LEU B 72 -13.92 -25.22 25.57
N GLU B 73 -12.89 -26.07 25.61
CA GLU B 73 -11.70 -25.72 26.39
C GLU B 73 -10.97 -24.54 25.78
N MET B 74 -10.85 -24.51 24.46
CA MET B 74 -10.18 -23.39 23.82
C MET B 74 -10.94 -22.09 24.02
N LEU B 75 -12.28 -22.14 23.92
CA LEU B 75 -13.11 -20.94 24.11
C LEU B 75 -13.00 -20.40 25.53
N ALA B 76 -12.68 -21.25 26.49
CA ALA B 76 -12.59 -20.88 27.88
C ALA B 76 -11.18 -20.46 28.28
N LYS B 77 -10.24 -20.40 27.34
CA LYS B 77 -8.88 -19.95 27.60
C LYS B 77 -8.83 -18.42 27.56
N LYS B 78 -9.70 -17.80 28.32
CA LYS B 78 -9.75 -16.36 28.47
C LYS B 78 -9.38 -16.01 29.92
N ASN B 79 -9.16 -14.71 30.15
CA ASN B 79 -8.78 -14.21 31.45
C ASN B 79 -9.90 -13.45 32.14
N SER B 80 -10.99 -13.16 31.45
CA SER B 80 -12.04 -12.32 31.98
C SER B 80 -13.39 -12.89 31.57
N LYS B 81 -14.46 -12.25 32.04
CA LYS B 81 -15.80 -12.80 31.90
C LYS B 81 -16.41 -12.47 30.54
N THR B 82 -17.41 -13.28 30.15
CA THR B 82 -18.13 -13.03 28.90
C THR B 82 -19.23 -11.98 29.05
N GLU B 83 -19.76 -11.77 30.26
CA GLU B 83 -20.69 -10.68 30.49
C GLU B 83 -20.08 -9.35 30.08
N LEU B 84 -20.94 -8.42 29.66
CA LEU B 84 -20.51 -7.04 29.54
C LEU B 84 -20.00 -6.56 30.89
N GLN B 85 -18.83 -5.92 30.91
CA GLN B 85 -18.29 -5.33 32.14
C GLN B 85 -18.36 -3.82 31.99
N LEU B 86 -19.51 -3.25 32.35
CA LEU B 86 -19.63 -1.81 32.55
C LEU B 86 -18.96 -1.44 33.88
N GLY B 87 -18.71 -0.16 34.07
CA GLY B 87 -17.94 0.19 35.25
C GLY B 87 -18.71 0.22 36.57
N PHE B 88 -18.34 1.15 37.44
CA PHE B 88 -19.24 1.61 38.48
C PHE B 88 -19.53 3.09 38.31
N ARG B 89 -18.90 3.73 37.34
CA ARG B 89 -19.05 5.15 37.11
C ARG B 89 -20.09 5.40 36.03
N LYS B 90 -20.75 6.54 36.13
CA LYS B 90 -21.72 6.93 35.12
C LYS B 90 -21.20 8.03 34.22
N PRO B 91 -21.33 7.86 32.91
CA PRO B 91 -21.83 6.64 32.26
C PRO B 91 -20.71 5.62 32.02
N ALA B 92 -21.07 4.35 31.83
CA ALA B 92 -20.15 3.42 31.21
C ALA B 92 -20.03 3.75 29.71
N VAL B 93 -18.88 3.42 29.12
CA VAL B 93 -18.62 3.74 27.73
C VAL B 93 -18.20 2.48 26.99
N ILE B 94 -18.85 2.22 25.86
CA ILE B 94 -18.59 1.04 25.04
C ILE B 94 -18.26 1.52 23.65
N MET B 95 -17.08 1.14 23.14
CA MET B 95 -16.75 1.43 21.75
C MET B 95 -16.87 0.15 20.91
N ILE B 96 -17.39 0.31 19.70
CA ILE B 96 -17.50 -0.78 18.73
C ILE B 96 -16.54 -0.48 17.59
N VAL B 97 -15.70 -1.45 17.23
CA VAL B 97 -14.63 -1.28 16.26
C VAL B 97 -14.50 -2.53 15.38
N GLY B 98 -13.81 -2.39 14.25
CA GLY B 98 -13.48 -3.53 13.41
C GLY B 98 -13.39 -3.15 11.96
N VAL B 99 -13.14 -4.17 11.11
CA VAL B 99 -12.91 -3.90 9.69
C VAL B 99 -14.21 -3.54 9.01
N ASN B 100 -14.08 -2.82 7.89
CA ASN B 100 -15.23 -2.43 7.08
C ASN B 100 -16.14 -3.60 6.78
N GLY B 101 -17.45 -3.40 7.00
CA GLY B 101 -18.46 -4.31 6.51
C GLY B 101 -18.88 -5.40 7.47
N GLY B 102 -18.18 -5.55 8.61
CA GLY B 102 -18.41 -6.64 9.54
C GLY B 102 -19.71 -6.60 10.32
N GLY B 103 -20.28 -5.42 10.51
CA GLY B 103 -21.54 -5.32 11.22
C GLY B 103 -21.55 -4.45 12.46
N LYS B 104 -20.69 -3.42 12.49
CA LYS B 104 -20.52 -2.60 13.69
C LYS B 104 -21.80 -1.85 14.05
N THR B 105 -22.33 -1.07 13.10
CA THR B 105 -23.46 -0.18 13.36
C THR B 105 -24.73 -0.95 13.67
N THR B 106 -24.95 -2.08 12.97
CA THR B 106 -26.11 -2.92 13.24
C THR B 106 -26.02 -3.56 14.60
N SER B 107 -24.83 -4.03 14.98
CA SER B 107 -24.66 -4.67 16.27
C SER B 107 -24.88 -3.67 17.40
N LEU B 108 -24.39 -2.44 17.20
CA LEU B 108 -24.60 -1.40 18.21
C LEU B 108 -26.09 -1.14 18.42
N GLY B 109 -26.83 -0.97 17.32
CA GLY B 109 -28.28 -0.82 17.45
C GLY B 109 -28.95 -1.98 18.19
N LYS B 110 -28.54 -3.22 17.87
CA LYS B 110 -29.14 -4.38 18.52
C LYS B 110 -28.74 -4.45 20.00
N LEU B 111 -27.51 -4.04 20.33
CA LEU B 111 -27.11 -3.98 21.72
C LEU B 111 -27.87 -2.89 22.47
N ALA B 112 -28.10 -1.73 21.83
CA ALA B 112 -28.87 -0.69 22.48
C ALA B 112 -30.27 -1.19 22.81
N HIS B 113 -30.89 -1.89 21.86
CA HIS B 113 -32.19 -2.51 22.09
C HIS B 113 -32.17 -3.42 23.34
N ARG B 114 -31.11 -4.20 23.52
CA ARG B 114 -31.06 -5.07 24.69
C ARG B 114 -30.93 -4.27 25.97
N LEU B 115 -30.07 -3.26 25.96
CA LEU B 115 -29.89 -2.44 27.16
C LEU B 115 -31.19 -1.73 27.53
N LYS B 116 -31.95 -1.27 26.52
CA LYS B 116 -33.16 -0.51 26.81
C LYS B 116 -34.25 -1.41 27.36
N ASN B 117 -34.29 -2.67 26.93
CA ASN B 117 -35.24 -3.62 27.48
C ASN B 117 -35.00 -3.84 28.96
N GLU B 118 -33.75 -3.68 29.40
CA GLU B 118 -33.35 -3.82 30.80
C GLU B 118 -33.51 -2.54 31.60
N GLY B 119 -34.10 -1.49 31.03
CA GLY B 119 -34.27 -0.25 31.74
C GLY B 119 -33.07 0.67 31.74
N THR B 120 -31.97 0.24 31.11
CA THR B 120 -30.75 1.04 31.03
C THR B 120 -30.98 2.24 30.12
N LYS B 121 -30.58 3.42 30.58
CA LYS B 121 -30.67 4.64 29.78
C LYS B 121 -29.43 4.79 28.88
N VAL B 122 -29.63 4.73 27.56
CA VAL B 122 -28.54 4.61 26.59
C VAL B 122 -28.46 5.86 25.70
N LEU B 123 -27.24 6.35 25.48
CA LEU B 123 -26.94 7.41 24.54
C LEU B 123 -25.97 6.90 23.47
N MET B 124 -26.30 7.15 22.19
CA MET B 124 -25.48 6.71 21.07
C MET B 124 -24.60 7.83 20.58
N ALA B 125 -23.41 7.50 20.11
CA ALA B 125 -22.51 8.49 19.53
C ALA B 125 -22.13 8.06 18.12
N ALA B 126 -22.43 8.91 17.14
CA ALA B 126 -22.11 8.65 15.72
C ALA B 126 -20.65 9.01 15.43
N GLY B 127 -19.76 8.15 15.91
CA GLY B 127 -18.34 8.35 15.68
C GLY B 127 -17.84 8.07 14.28
N ASP B 128 -18.59 7.38 13.41
CA ASP B 128 -18.20 7.27 11.99
C ASP B 128 -18.55 8.58 11.31
N THR B 129 -17.54 9.42 11.12
CA THR B 129 -17.65 10.69 10.41
C THR B 129 -17.13 10.60 8.98
N PHE B 130 -16.76 9.41 8.50
CA PHE B 130 -16.20 9.29 7.17
C PHE B 130 -17.22 8.81 6.13
N ARG B 131 -17.84 7.66 6.37
CA ARG B 131 -18.55 6.98 5.29
C ARG B 131 -19.89 7.64 4.98
N ALA B 132 -20.27 7.59 3.71
CA ALA B 132 -21.52 8.21 3.27
C ALA B 132 -22.73 7.67 4.06
N ALA B 133 -23.51 8.59 4.62
CA ALA B 133 -24.75 8.31 5.35
C ALA B 133 -24.54 7.50 6.63
N ALA B 134 -23.35 7.54 7.24
CA ALA B 134 -23.13 6.75 8.44
C ALA B 134 -23.97 7.26 9.61
N SER B 135 -24.09 8.60 9.74
CA SER B 135 -24.91 9.20 10.79
C SER B 135 -26.38 8.89 10.58
N ASP B 136 -26.87 9.11 9.36
CA ASP B 136 -28.27 8.82 9.05
C ASP B 136 -28.61 7.39 9.42
N GLN B 137 -27.72 6.46 9.12
CA GLN B 137 -27.96 5.06 9.45
C GLN B 137 -28.02 4.86 10.97
N LEU B 138 -27.11 5.47 11.71
CA LEU B 138 -27.18 5.29 13.16
C LEU B 138 -28.39 6.00 13.74
N GLU B 139 -28.82 7.10 13.12
CA GLU B 139 -29.98 7.83 13.59
C GLU B 139 -31.24 6.98 13.48
N ILE B 140 -31.37 6.23 12.37
CA ILE B 140 -32.52 5.34 12.21
C ILE B 140 -32.53 4.30 13.32
N TRP B 141 -31.37 3.78 13.71
CA TRP B 141 -31.34 2.84 14.82
C TRP B 141 -31.71 3.52 16.13
N ALA B 142 -31.23 4.75 16.36
CA ALA B 142 -31.62 5.51 17.54
C ALA B 142 -33.14 5.63 17.65
N GLU B 143 -33.81 6.07 16.57
CA GLU B 143 -35.27 6.20 16.63
C GLU B 143 -35.95 4.85 16.88
N ARG B 144 -35.41 3.76 16.31
CA ARG B 144 -36.01 2.45 16.51
C ARG B 144 -35.91 2.02 17.96
N THR B 145 -34.76 2.21 18.58
CA THR B 145 -34.55 1.71 19.92
C THR B 145 -34.88 2.73 21.01
N GLY B 146 -35.35 3.91 20.66
CA GLY B 146 -35.69 4.92 21.66
C GLY B 146 -34.51 5.58 22.35
N CYS B 147 -33.35 5.65 21.71
CA CYS B 147 -32.16 6.29 22.25
C CYS B 147 -32.01 7.71 21.72
N GLU B 148 -31.37 8.55 22.53
CA GLU B 148 -30.88 9.81 22.01
C GLU B 148 -29.54 9.58 21.33
N ILE B 149 -29.17 10.48 20.44
CA ILE B 149 -27.94 10.28 19.67
C ILE B 149 -27.18 11.59 19.54
N VAL B 150 -25.86 11.51 19.59
CA VAL B 150 -24.97 12.62 19.34
C VAL B 150 -24.41 12.50 17.93
N VAL B 151 -24.70 13.48 17.09
CA VAL B 151 -24.25 13.50 15.70
C VAL B 151 -23.42 14.76 15.48
N ALA B 152 -22.34 14.62 14.72
CA ALA B 152 -21.47 15.75 14.40
C ALA B 152 -22.21 16.78 13.57
N GLU B 153 -21.93 18.05 13.83
CA GLU B 153 -22.58 19.11 13.05
C GLU B 153 -21.96 19.26 11.66
N GLY B 154 -20.63 19.30 11.57
CA GLY B 154 -19.96 19.57 10.31
C GLY B 154 -19.45 18.31 9.63
N ASP B 155 -18.97 18.49 8.40
CA ASP B 155 -18.37 17.40 7.63
C ASP B 155 -16.90 17.17 7.99
N LYS B 156 -16.24 18.20 8.51
CA LYS B 156 -14.85 18.11 8.94
C LYS B 156 -14.69 17.55 10.35
N ALA B 157 -15.74 16.94 10.92
CA ALA B 157 -15.70 16.55 12.31
C ALA B 157 -14.83 15.32 12.51
N LYS B 158 -14.11 15.30 13.62
CA LYS B 158 -13.24 14.20 13.95
C LYS B 158 -13.96 13.23 14.88
N ALA B 159 -13.78 11.95 14.61
CA ALA B 159 -14.34 10.89 15.45
C ALA B 159 -14.09 11.17 16.93
N ALA B 160 -12.85 11.53 17.30
CA ALA B 160 -12.51 11.75 18.70
C ALA B 160 -13.29 12.90 19.31
N THR B 161 -13.55 13.96 18.56
CA THR B 161 -14.32 15.08 19.09
C THR B 161 -15.79 14.69 19.32
N VAL B 162 -16.39 13.94 18.40
CA VAL B 162 -17.78 13.50 18.55
C VAL B 162 -17.94 12.62 19.78
N LEU B 163 -17.07 11.62 19.93
CA LEU B 163 -17.17 10.75 21.12
C LEU B 163 -16.89 11.53 22.38
N SER B 164 -16.01 12.53 22.32
CA SER B 164 -15.75 13.33 23.51
C SER B 164 -17.01 14.06 23.94
N LYS B 165 -17.66 14.75 22.99
CA LYS B 165 -18.86 15.50 23.33
C LYS B 165 -19.95 14.58 23.85
N ALA B 166 -20.05 13.39 23.25
CA ALA B 166 -21.09 12.44 23.64
C ALA B 166 -20.86 11.93 25.05
N VAL B 167 -19.63 11.51 25.35
CA VAL B 167 -19.35 11.04 26.71
C VAL B 167 -19.55 12.18 27.71
N LYS B 168 -19.16 13.40 27.35
CA LYS B 168 -19.46 14.55 28.22
C LYS B 168 -20.96 14.71 28.43
N ARG B 169 -21.73 14.67 27.34
CA ARG B 169 -23.18 14.82 27.46
C ARG B 169 -23.77 13.69 28.29
N GLY B 170 -23.28 12.47 28.12
CA GLY B 170 -23.79 11.37 28.93
C GLY B 170 -23.54 11.54 30.40
N LYS B 171 -22.42 12.18 30.76
CA LYS B 171 -22.13 12.41 32.17
C LYS B 171 -23.04 13.49 32.75
N GLU B 172 -23.20 14.61 32.04
CA GLU B 172 -24.02 15.70 32.55
C GLU B 172 -25.47 15.29 32.71
N GLU B 173 -25.99 14.39 31.87
CA GLU B 173 -27.41 14.08 31.90
C GLU B 173 -27.74 12.73 32.52
N GLY B 174 -26.81 12.12 33.24
CA GLY B 174 -27.08 10.88 33.93
C GLY B 174 -27.45 9.68 33.06
N TYR B 175 -26.83 9.55 31.90
CA TYR B 175 -26.96 8.32 31.12
C TYR B 175 -26.20 7.20 31.82
N ASP B 176 -26.73 5.96 31.66
CA ASP B 176 -26.04 4.80 32.21
C ASP B 176 -24.92 4.34 31.28
N VAL B 177 -25.13 4.43 29.97
CA VAL B 177 -24.25 3.88 28.97
C VAL B 177 -24.21 4.81 27.78
N VAL B 178 -23.01 5.05 27.26
CA VAL B 178 -22.81 5.73 25.99
C VAL B 178 -22.20 4.73 25.02
N LEU B 179 -22.94 4.42 23.95
CA LEU B 179 -22.51 3.50 22.90
C LEU B 179 -21.90 4.29 21.72
N CYS B 180 -20.65 3.98 21.38
CA CYS B 180 -19.87 4.72 20.38
C CYS B 180 -19.67 3.89 19.12
N ASP B 181 -20.21 4.35 17.99
CA ASP B 181 -19.89 3.82 16.68
C ASP B 181 -18.54 4.36 16.21
N THR B 182 -17.88 3.62 15.30
CA THR B 182 -16.65 4.09 14.66
C THR B 182 -16.60 3.57 13.23
N SER B 183 -15.95 4.33 12.36
CA SER B 183 -15.89 3.96 10.96
C SER B 183 -15.07 2.68 10.78
N GLY B 184 -15.38 1.93 9.73
CA GLY B 184 -14.60 0.74 9.45
C GLY B 184 -13.15 1.08 9.11
N ARG B 185 -12.24 0.24 9.58
CA ARG B 185 -10.83 0.44 9.26
C ARG B 185 -10.14 -0.91 9.16
N LEU B 186 -9.22 -1.04 8.22
CA LEU B 186 -8.37 -2.22 8.12
C LEU B 186 -7.22 -2.12 9.11
N HIS B 187 -6.93 -3.23 9.79
CA HIS B 187 -5.83 -3.22 10.75
C HIS B 187 -4.49 -2.90 10.12
N THR B 188 -4.40 -2.86 8.78
CA THR B 188 -3.19 -2.49 8.06
C THR B 188 -3.05 -0.99 7.81
N ASN B 189 -4.00 -0.19 8.26
CA ASN B 189 -4.01 1.26 8.02
C ASN B 189 -3.53 1.96 9.29
N TYR B 190 -2.28 2.41 9.27
CA TYR B 190 -1.66 2.95 10.48
C TYR B 190 -2.37 4.21 10.97
N SER B 191 -2.71 5.13 10.06
CA SER B 191 -3.27 6.39 10.51
C SER B 191 -4.69 6.23 11.02
N LEU B 192 -5.46 5.27 10.50
CA LEU B 192 -6.78 5.00 11.08
C LEU B 192 -6.67 4.23 12.40
N MET B 193 -5.67 3.38 12.58
CA MET B 193 -5.50 2.76 13.87
C MET B 193 -5.07 3.78 14.91
N GLU B 194 -4.28 4.78 14.49
CA GLU B 194 -3.94 5.88 15.38
C GLU B 194 -5.19 6.64 15.83
N GLU B 195 -6.09 6.92 14.90
CA GLU B 195 -7.33 7.62 15.23
C GLU B 195 -8.12 6.86 16.30
N LEU B 196 -7.97 5.54 16.36
CA LEU B 196 -8.66 4.76 17.38
C LEU B 196 -8.06 5.02 18.76
N ILE B 197 -6.73 5.12 18.83
CA ILE B 197 -6.03 5.48 20.05
C ILE B 197 -6.44 6.88 20.55
N ALA B 198 -6.76 7.79 19.63
CA ALA B 198 -7.15 9.14 20.02
C ALA B 198 -8.55 9.14 20.65
N CYS B 199 -9.47 8.32 20.11
CA CYS B 199 -10.81 8.18 20.71
C CYS B 199 -10.74 7.61 22.11
N LYS B 200 -9.95 6.55 22.31
CA LYS B 200 -9.85 5.92 23.63
C LYS B 200 -9.29 6.89 24.65
N LYS B 201 -8.29 7.67 24.25
CA LYS B 201 -7.67 8.66 25.13
C LYS B 201 -8.64 9.79 25.44
N ALA B 202 -9.45 10.18 24.45
CA ALA B 202 -10.34 11.32 24.60
C ALA B 202 -11.48 11.00 25.54
N VAL B 203 -12.03 9.81 25.41
CA VAL B 203 -13.12 9.36 26.25
C VAL B 203 -12.62 9.14 27.67
N GLY B 204 -11.38 8.67 27.84
CA GLY B 204 -10.83 8.46 29.15
C GLY B 204 -10.58 9.70 29.96
N LYS B 205 -10.45 10.86 29.29
CA LYS B 205 -10.24 12.15 29.96
C LYS B 205 -11.51 12.67 30.61
N ILE B 206 -12.67 12.14 30.26
CA ILE B 206 -13.93 12.61 30.81
C ILE B 206 -14.44 11.69 31.92
N VAL B 207 -14.29 10.37 31.78
CA VAL B 207 -14.62 9.44 32.85
C VAL B 207 -13.42 8.53 33.05
N SER B 208 -12.86 8.52 34.26
CA SER B 208 -11.79 7.60 34.57
C SER B 208 -12.23 6.19 34.30
N GLY B 209 -11.39 5.45 33.57
CA GLY B 209 -11.69 4.08 33.23
C GLY B 209 -12.41 3.88 31.92
N ALA B 210 -12.96 4.94 31.35
CA ALA B 210 -13.57 4.82 30.02
C ALA B 210 -12.48 4.74 28.95
N PRO B 211 -12.71 3.92 27.91
CA PRO B 211 -13.88 3.05 27.69
C PRO B 211 -13.84 1.73 28.46
N ASN B 212 -14.97 1.36 29.06
CA ASN B 212 -15.03 0.16 29.86
C ASN B 212 -15.07 -1.08 28.98
N GLU B 213 -15.55 -0.94 27.76
CA GLU B 213 -15.61 -2.04 26.81
C GLU B 213 -15.19 -1.52 25.44
N ILE B 214 -14.32 -2.28 24.76
CA ILE B 214 -14.02 -2.08 23.36
C ILE B 214 -14.27 -3.41 22.68
N LEU B 215 -15.39 -3.49 21.96
CA LEU B 215 -15.86 -4.72 21.32
C LEU B 215 -15.42 -4.77 19.84
N LEU B 216 -14.68 -5.81 19.48
CA LEU B 216 -14.25 -6.01 18.09
C LEU B 216 -15.29 -6.83 17.35
N VAL B 217 -15.75 -6.30 16.22
CA VAL B 217 -16.73 -6.99 15.38
C VAL B 217 -15.96 -7.84 14.36
N LEU B 218 -16.23 -9.14 14.35
CA LEU B 218 -15.64 -10.08 13.40
C LEU B 218 -16.71 -10.70 12.52
N ASP B 219 -16.61 -10.48 11.20
CA ASP B 219 -17.54 -11.04 10.21
C ASP B 219 -17.39 -12.56 10.17
N GLY B 220 -18.47 -13.29 10.44
CA GLY B 220 -18.43 -14.74 10.44
C GLY B 220 -18.11 -15.38 9.10
N ASN B 221 -18.22 -14.63 7.99
CA ASN B 221 -17.79 -15.14 6.69
C ASN B 221 -16.28 -15.14 6.51
N THR B 222 -15.54 -14.48 7.38
CA THR B 222 -14.12 -14.31 7.18
C THR B 222 -13.40 -15.59 7.60
N GLY B 223 -12.38 -15.96 6.83
CA GLY B 223 -11.59 -17.11 7.17
C GLY B 223 -10.50 -16.78 8.17
N LEU B 224 -9.30 -17.31 7.94
CA LEU B 224 -8.20 -17.19 8.88
C LEU B 224 -7.73 -15.77 9.08
N ASN B 225 -8.13 -14.82 8.23
CA ASN B 225 -7.75 -13.44 8.47
C ASN B 225 -8.33 -12.91 9.78
N MET B 226 -9.29 -13.61 10.41
CA MET B 226 -9.84 -13.14 11.68
C MET B 226 -8.72 -12.93 12.70
N LEU B 227 -7.68 -13.78 12.64
CA LEU B 227 -6.65 -13.74 13.67
C LEU B 227 -5.72 -12.54 13.56
N PRO B 228 -5.17 -12.18 12.38
CA PRO B 228 -4.40 -10.92 12.30
C PRO B 228 -5.21 -9.70 12.66
N GLN B 229 -6.51 -9.69 12.31
CA GLN B 229 -7.42 -8.62 12.70
C GLN B 229 -7.45 -8.45 14.23
N ALA B 230 -7.82 -9.51 14.94
CA ALA B 230 -7.88 -9.46 16.40
C ALA B 230 -6.53 -9.12 17.02
N ARG B 231 -5.43 -9.62 16.44
CA ARG B 231 -4.10 -9.31 16.99
C ARG B 231 -3.81 -7.82 16.93
N GLU B 232 -3.96 -7.22 15.75
CA GLU B 232 -3.57 -5.83 15.59
C GLU B 232 -4.47 -4.89 16.38
N PHE B 233 -5.79 -5.08 16.28
CA PHE B 233 -6.71 -4.23 17.03
C PHE B 233 -6.43 -4.31 18.53
N ASN B 234 -6.17 -5.53 19.02
CA ASN B 234 -5.92 -5.69 20.44
C ASN B 234 -4.62 -5.06 20.86
N GLU B 235 -3.58 -5.22 20.03
CA GLU B 235 -2.28 -4.59 20.26
C GLU B 235 -2.39 -3.08 20.33
N VAL B 236 -3.28 -2.48 19.54
CA VAL B 236 -3.28 -1.04 19.37
C VAL B 236 -4.15 -0.34 20.41
N VAL B 237 -5.32 -0.88 20.70
CA VAL B 237 -6.24 -0.27 21.66
C VAL B 237 -6.59 -1.19 22.81
N GLY B 238 -6.50 -2.51 22.66
CA GLY B 238 -6.98 -3.38 23.72
C GLY B 238 -8.45 -3.74 23.53
N ILE B 239 -8.69 -4.99 23.11
CA ILE B 239 -10.04 -5.49 22.89
C ILE B 239 -10.51 -6.22 24.13
N THR B 240 -11.69 -5.88 24.61
CA THR B 240 -12.27 -6.51 25.80
C THR B 240 -13.31 -7.58 25.47
N GLY B 241 -13.74 -7.70 24.22
CA GLY B 241 -14.67 -8.74 23.83
C GLY B 241 -14.87 -8.73 22.33
N LEU B 242 -15.41 -9.85 21.83
CA LEU B 242 -15.67 -10.05 20.42
C LEU B 242 -17.17 -10.09 20.15
N ILE B 243 -17.54 -9.61 18.98
CA ILE B 243 -18.89 -9.77 18.45
C ILE B 243 -18.74 -10.55 17.15
N LEU B 244 -19.27 -11.75 17.11
CA LEU B 244 -19.15 -12.61 15.95
C LEU B 244 -20.48 -12.54 15.20
N THR B 245 -20.46 -11.92 14.01
CA THR B 245 -21.67 -11.58 13.28
C THR B 245 -21.93 -12.56 12.13
N LYS B 246 -23.18 -12.56 11.65
CA LYS B 246 -23.58 -13.24 10.41
C LYS B 246 -23.45 -14.77 10.49
N LEU B 247 -23.73 -15.33 11.68
CA LEU B 247 -23.72 -16.77 11.88
C LEU B 247 -25.00 -17.47 11.38
N ASP B 248 -26.05 -16.69 11.06
CA ASP B 248 -27.26 -17.21 10.43
C ASP B 248 -27.06 -17.58 8.97
N GLY B 249 -25.90 -17.27 8.40
CA GLY B 249 -25.58 -17.72 7.06
C GLY B 249 -25.07 -19.14 7.07
N SER B 250 -24.31 -19.48 6.05
CA SER B 250 -23.70 -20.79 5.98
C SER B 250 -22.24 -20.80 6.47
N ALA B 251 -21.67 -19.65 6.80
CA ALA B 251 -20.38 -19.67 7.46
C ALA B 251 -20.53 -20.10 8.91
N ARG B 252 -19.51 -20.79 9.42
CA ARG B 252 -19.56 -21.31 10.78
C ARG B 252 -18.80 -20.47 11.79
N GLY B 253 -17.83 -19.66 11.35
CA GLY B 253 -17.06 -18.84 12.27
C GLY B 253 -16.03 -19.59 13.06
N GLY B 254 -15.61 -20.76 12.56
CA GLY B 254 -14.70 -21.60 13.31
C GLY B 254 -13.40 -20.95 13.67
N CYS B 255 -12.99 -19.92 12.92
CA CYS B 255 -11.73 -19.25 13.21
C CYS B 255 -11.75 -18.48 14.53
N VAL B 256 -12.94 -18.18 15.06
CA VAL B 256 -13.05 -17.49 16.35
C VAL B 256 -12.43 -18.33 17.46
N VAL B 257 -12.37 -19.65 17.27
CA VAL B 257 -11.81 -20.51 18.31
C VAL B 257 -10.32 -20.21 18.48
N SER B 258 -9.60 -20.05 17.38
CA SER B 258 -8.17 -19.76 17.52
C SER B 258 -7.93 -18.33 18.00
N VAL B 259 -8.83 -17.39 17.69
CA VAL B 259 -8.68 -16.02 18.21
C VAL B 259 -8.69 -16.04 19.75
N VAL B 260 -9.73 -16.62 20.34
CA VAL B 260 -9.80 -16.72 21.80
C VAL B 260 -8.62 -17.53 22.33
N GLU B 261 -8.28 -18.63 21.65
CA GLU B 261 -7.21 -19.53 22.10
C GLU B 261 -5.86 -18.81 22.16
N GLU B 262 -5.56 -17.99 21.16
CA GLU B 262 -4.29 -17.25 21.15
C GLU B 262 -4.36 -16.00 22.01
N LEU B 263 -5.49 -15.28 22.02
CA LEU B 263 -5.50 -13.94 22.57
C LEU B 263 -6.21 -13.80 23.92
N GLY B 264 -7.05 -14.75 24.32
CA GLY B 264 -7.79 -14.64 25.58
C GLY B 264 -8.91 -13.60 25.61
N ILE B 265 -9.36 -13.11 24.46
CA ILE B 265 -10.48 -12.17 24.37
C ILE B 265 -11.78 -12.97 24.38
N PRO B 266 -12.65 -12.82 25.37
CA PRO B 266 -13.94 -13.56 25.33
C PRO B 266 -14.79 -13.12 24.15
N VAL B 267 -15.41 -14.10 23.46
CA VAL B 267 -16.58 -13.81 22.65
C VAL B 267 -17.73 -13.44 23.57
N LYS B 268 -18.37 -12.29 23.31
CA LYS B 268 -19.44 -11.80 24.18
C LYS B 268 -20.82 -11.74 23.52
N PHE B 269 -20.91 -11.64 22.19
CA PHE B 269 -22.19 -11.68 21.49
C PHE B 269 -22.01 -12.29 20.11
N ILE B 270 -23.08 -12.84 19.58
CA ILE B 270 -23.11 -13.31 18.21
C ILE B 270 -24.26 -12.63 17.47
N GLY B 271 -24.02 -12.25 16.22
CA GLY B 271 -25.08 -11.74 15.36
C GLY B 271 -25.71 -12.85 14.55
N VAL B 272 -27.05 -12.90 14.56
CA VAL B 272 -27.79 -13.98 13.92
C VAL B 272 -28.89 -13.44 13.02
N GLY B 273 -28.66 -12.28 12.43
CA GLY B 273 -29.59 -11.72 11.47
C GLY B 273 -29.55 -10.20 11.52
N GLU B 274 -30.52 -9.60 10.84
CA GLU B 274 -30.56 -8.15 10.62
C GLU B 274 -31.66 -7.44 11.40
N ALA B 275 -32.58 -8.16 12.05
CA ALA B 275 -33.62 -7.48 12.81
C ALA B 275 -33.10 -7.01 14.17
N VAL B 276 -33.81 -6.05 14.76
CA VAL B 276 -33.42 -5.44 16.04
C VAL B 276 -33.08 -6.47 17.12
N GLU B 277 -33.78 -7.61 17.14
CA GLU B 277 -33.61 -8.62 18.19
C GLU B 277 -32.42 -9.57 17.95
N ASP B 278 -31.73 -9.49 16.81
CA ASP B 278 -30.81 -10.55 16.36
C ASP B 278 -29.40 -10.39 16.92
N LEU B 279 -29.32 -10.19 18.23
CA LEU B 279 -28.06 -10.20 18.94
C LEU B 279 -28.26 -11.06 20.18
N GLN B 280 -27.43 -12.09 20.34
CA GLN B 280 -27.51 -13.03 21.44
C GLN B 280 -26.26 -12.98 22.29
N PRO B 281 -26.38 -12.92 23.62
CA PRO B 281 -25.18 -13.07 24.46
C PRO B 281 -24.54 -14.43 24.21
N PHE B 282 -23.20 -14.46 24.21
CA PHE B 282 -22.48 -15.67 23.86
C PHE B 282 -22.71 -16.78 24.88
N ASP B 283 -23.13 -17.93 24.39
CA ASP B 283 -23.30 -19.11 25.22
C ASP B 283 -22.38 -20.16 24.62
N PRO B 284 -21.26 -20.52 25.26
CA PRO B 284 -20.32 -21.45 24.60
C PRO B 284 -20.92 -22.81 24.30
N GLU B 285 -21.73 -23.36 25.21
CA GLU B 285 -22.39 -24.64 24.93
C GLU B 285 -23.29 -24.55 23.70
N ALA B 286 -24.07 -23.47 23.58
CA ALA B 286 -24.95 -23.36 22.42
C ALA B 286 -24.14 -23.20 21.14
N PHE B 287 -23.04 -22.48 21.20
CA PHE B 287 -22.22 -22.22 20.04
C PHE B 287 -21.58 -23.52 19.51
N VAL B 288 -20.99 -24.31 20.41
CA VAL B 288 -20.28 -25.50 19.99
C VAL B 288 -21.26 -26.57 19.52
N ASN B 289 -22.43 -26.66 20.15
CA ASN B 289 -23.45 -27.57 19.63
C ASN B 289 -23.90 -27.15 18.24
N ALA B 290 -24.07 -25.85 18.02
CA ALA B 290 -24.50 -25.36 16.71
C ALA B 290 -23.42 -25.58 15.64
N ILE B 291 -22.16 -25.35 15.96
CA ILE B 291 -21.13 -25.44 14.94
C ILE B 291 -20.90 -26.87 14.50
N PHE B 292 -21.26 -27.86 15.31
CA PHE B 292 -20.98 -29.26 14.97
C PHE B 292 -22.23 -30.03 14.58
N SER B 293 -23.31 -29.35 14.24
CA SER B 293 -24.46 -30.03 13.64
C SER B 293 -25.45 -29.01 13.10
N VAL C 27 22.62 -12.26 31.88
CA VAL C 27 22.43 -10.82 31.62
C VAL C 27 23.20 -10.38 30.37
N LEU C 28 22.95 -9.16 29.90
CA LEU C 28 23.67 -8.66 28.74
C LEU C 28 25.13 -8.40 29.10
N THR C 29 26.04 -8.90 28.28
CA THR C 29 27.48 -8.80 28.52
C THR C 29 28.16 -8.36 27.24
N LYS C 30 29.40 -7.86 27.38
CA LYS C 30 30.17 -7.41 26.23
C LYS C 30 30.34 -8.51 25.19
N ASP C 31 30.92 -9.64 25.61
CA ASP C 31 31.19 -10.73 24.69
C ASP C 31 29.94 -11.18 23.96
N ASN C 32 28.81 -11.18 24.66
CA ASN C 32 27.58 -11.73 24.12
C ASN C 32 26.73 -10.77 23.29
N ILE C 33 26.95 -9.45 23.39
CA ILE C 33 26.28 -8.55 22.45
C ILE C 33 27.10 -8.39 21.17
N ALA C 34 28.42 -8.59 21.25
CA ALA C 34 29.37 -8.32 20.16
C ALA C 34 28.93 -8.74 18.75
N GLU C 35 28.30 -9.91 18.60
CA GLU C 35 27.90 -10.41 17.28
C GLU C 35 26.54 -9.84 16.86
N PRO C 36 25.54 -9.80 17.75
CA PRO C 36 24.37 -8.97 17.44
C PRO C 36 24.68 -7.51 17.18
N MET C 37 25.73 -6.96 17.80
CA MET C 37 26.11 -5.59 17.48
C MET C 37 26.65 -5.49 16.06
N ARG C 38 27.31 -6.53 15.57
CA ARG C 38 27.72 -6.59 14.17
C ARG C 38 26.56 -6.92 13.25
N ASP C 39 25.49 -7.51 13.77
CA ASP C 39 24.38 -7.79 12.88
C ASP C 39 23.49 -6.58 12.67
N ILE C 40 23.24 -5.79 13.72
CA ILE C 40 22.42 -4.60 13.55
C ILE C 40 23.17 -3.51 12.77
N ARG C 41 24.50 -3.48 12.86
CA ARG C 41 25.28 -2.58 12.02
C ARG C 41 25.07 -2.93 10.54
N ARG C 42 25.14 -4.21 10.19
CA ARG C 42 24.91 -4.63 8.82
C ARG C 42 23.50 -4.24 8.35
N ALA C 43 22.50 -4.51 9.19
CA ALA C 43 21.12 -4.26 8.78
C ALA C 43 20.84 -2.77 8.60
N LEU C 44 21.38 -1.94 9.49
CA LEU C 44 21.24 -0.50 9.34
C LEU C 44 21.88 0.01 8.05
N LEU C 45 23.05 -0.55 7.69
CA LEU C 45 23.72 -0.14 6.45
C LEU C 45 22.95 -0.62 5.22
N GLU C 46 22.35 -1.81 5.28
CA GLU C 46 21.52 -2.29 4.18
C GLU C 46 20.21 -1.51 4.09
N ALA C 47 19.82 -0.80 5.14
CA ALA C 47 18.68 0.10 5.08
C ALA C 47 19.07 1.52 4.68
N ASP C 48 20.34 1.73 4.31
CA ASP C 48 20.89 2.99 3.80
C ASP C 48 21.08 4.05 4.89
N VAL C 49 21.14 3.66 6.16
CA VAL C 49 21.43 4.63 7.22
C VAL C 49 22.86 5.12 7.07
N SER C 50 23.02 6.44 7.11
CA SER C 50 24.33 7.06 6.90
C SER C 50 25.33 6.57 7.95
N LEU C 51 26.55 6.25 7.50
CA LEU C 51 27.48 5.50 8.35
C LEU C 51 27.86 6.17 9.67
N PRO C 52 28.06 7.49 9.76
CA PRO C 52 28.36 8.05 11.09
C PRO C 52 27.18 8.02 12.06
N VAL C 53 25.94 8.03 11.55
CA VAL C 53 24.77 7.78 12.39
C VAL C 53 24.73 6.32 12.86
N VAL C 54 25.03 5.38 11.96
CA VAL C 54 25.11 3.97 12.36
C VAL C 54 26.09 3.81 13.52
N ARG C 55 27.29 4.38 13.36
CA ARG C 55 28.39 4.14 14.29
C ARG C 55 28.09 4.67 15.67
N ARG C 56 27.42 5.84 15.76
CA ARG C 56 26.97 6.37 17.04
C ARG C 56 25.84 5.53 17.60
N PHE C 57 24.98 5.00 16.73
CA PHE C 57 23.84 4.19 17.19
C PHE C 57 24.32 2.91 17.87
N VAL C 58 25.30 2.23 17.27
CA VAL C 58 25.81 0.99 17.86
C VAL C 58 26.47 1.27 19.20
N GLN C 59 27.09 2.44 19.35
CA GLN C 59 27.69 2.80 20.64
C GLN C 59 26.61 3.02 21.69
N SER C 60 25.65 3.88 21.38
CA SER C 60 24.55 4.17 22.30
C SER C 60 23.80 2.91 22.72
N VAL C 61 23.62 1.97 21.80
CA VAL C 61 22.95 0.72 22.14
C VAL C 61 23.84 -0.15 23.02
N SER C 62 25.13 -0.22 22.70
CA SER C 62 26.05 -1.05 23.48
C SER C 62 26.10 -0.63 24.93
N ASP C 63 26.15 0.69 25.18
CA ASP C 63 26.30 1.19 26.55
C ASP C 63 25.08 0.84 27.39
N GLN C 64 23.88 0.97 26.82
CA GLN C 64 22.68 0.63 27.56
C GLN C 64 22.60 -0.87 27.81
N ALA C 65 23.11 -1.67 26.87
CA ALA C 65 22.98 -3.12 26.99
C ALA C 65 23.85 -3.67 28.11
N VAL C 66 25.14 -3.36 28.11
CA VAL C 66 26.04 -3.84 29.17
C VAL C 66 25.88 -3.05 30.46
N GLY C 67 25.27 -1.87 30.39
CA GLY C 67 24.94 -1.11 31.57
C GLY C 67 23.60 -1.41 32.22
N MET C 68 22.72 -2.13 31.53
CA MET C 68 21.42 -2.46 32.09
C MET C 68 21.52 -3.42 33.26
N GLY C 69 22.43 -4.38 33.17
CA GLY C 69 22.60 -5.39 34.19
C GLY C 69 21.40 -6.32 34.29
N LYS C 75 14.90 -12.39 30.43
CA LYS C 75 15.78 -13.04 29.46
C LYS C 75 16.48 -11.97 28.60
N PRO C 76 17.80 -12.09 28.42
CA PRO C 76 18.56 -10.99 27.81
C PRO C 76 18.24 -10.71 26.34
N ASP C 77 17.62 -11.65 25.62
CA ASP C 77 17.37 -11.40 24.19
C ASP C 77 16.24 -10.38 24.00
N GLN C 78 15.23 -10.40 24.88
CA GLN C 78 14.13 -9.44 24.83
C GLN C 78 14.59 -8.02 25.18
N GLN C 79 15.56 -7.88 26.09
CA GLN C 79 15.98 -6.54 26.52
C GLN C 79 16.66 -5.78 25.38
N LEU C 80 17.52 -6.45 24.60
CA LEU C 80 18.27 -5.76 23.56
C LEU C 80 17.35 -5.24 22.46
N VAL C 81 16.29 -6.00 22.15
CA VAL C 81 15.29 -5.55 21.19
C VAL C 81 14.62 -4.27 21.68
N LYS C 82 14.30 -4.20 22.97
CA LYS C 82 13.76 -2.98 23.53
C LYS C 82 14.72 -1.80 23.33
N ILE C 83 16.00 -2.00 23.66
CA ILE C 83 16.98 -0.92 23.57
C ILE C 83 17.08 -0.41 22.13
N VAL C 84 17.02 -1.31 21.15
CA VAL C 84 17.19 -0.93 19.76
C VAL C 84 15.99 -0.14 19.24
N HIS C 85 14.80 -0.70 19.39
CA HIS C 85 13.59 -0.02 18.91
C HIS C 85 13.40 1.33 19.59
N ASP C 86 13.66 1.40 20.89
CA ASP C 86 13.43 2.67 21.60
C ASP C 86 14.44 3.71 21.21
N GLU C 87 15.67 3.30 20.90
CA GLU C 87 16.67 4.25 20.43
C GLU C 87 16.27 4.84 19.09
N LEU C 88 15.81 3.99 18.16
CA LEU C 88 15.30 4.49 16.88
C LEU C 88 14.18 5.50 17.10
N VAL C 89 13.17 5.12 17.90
CA VAL C 89 12.06 6.02 18.18
C VAL C 89 12.59 7.32 18.80
N LYS C 90 13.55 7.18 19.71
CA LYS C 90 14.13 8.34 20.39
C LYS C 90 14.88 9.24 19.40
N LEU C 91 15.71 8.65 18.54
CA LEU C 91 16.53 9.44 17.63
C LEU C 91 15.69 10.23 16.65
N MET C 92 14.50 9.73 16.33
CA MET C 92 13.66 10.32 15.30
C MET C 92 12.55 11.20 15.87
N GLY C 93 12.60 11.54 17.16
CA GLY C 93 11.69 12.51 17.75
C GLY C 93 10.80 11.99 18.86
N GLY C 94 10.66 10.67 19.00
CA GLY C 94 9.85 10.11 20.07
C GLY C 94 8.36 10.09 19.79
N GLU C 95 7.78 11.26 19.57
CA GLU C 95 6.36 11.39 19.21
C GLU C 95 6.26 12.37 18.04
N VAL C 96 5.02 12.58 17.57
CA VAL C 96 4.84 13.46 16.42
C VAL C 96 5.22 14.89 16.80
N SER C 97 6.04 15.51 15.96
CA SER C 97 6.29 16.93 16.06
C SER C 97 5.32 17.64 15.13
N GLU C 98 4.56 18.58 15.68
CA GLU C 98 3.53 19.28 14.92
C GLU C 98 4.12 20.50 14.22
N LEU C 99 3.43 20.90 13.16
CA LEU C 99 3.69 22.20 12.56
C LEU C 99 3.37 23.31 13.55
N GLN C 100 4.27 24.28 13.68
CA GLN C 100 4.04 25.44 14.54
C GLN C 100 3.67 26.66 13.69
N PHE C 101 2.62 27.37 14.11
CA PHE C 101 2.05 28.48 13.35
C PHE C 101 2.41 29.82 13.97
N ALA C 102 2.49 30.84 13.13
CA ALA C 102 2.77 32.18 13.60
C ALA C 102 1.69 32.64 14.56
N LYS C 103 2.10 33.12 15.73
CA LYS C 103 1.13 33.53 16.73
C LYS C 103 0.35 34.76 16.28
N SER C 104 1.01 35.70 15.61
CA SER C 104 0.39 36.99 15.31
C SER C 104 0.39 37.37 13.83
N GLY C 105 1.14 36.69 12.98
CA GLY C 105 1.18 37.05 11.60
C GLY C 105 0.82 35.88 10.71
N PRO C 106 1.05 36.02 9.40
CA PRO C 106 0.94 34.86 8.51
C PRO C 106 2.08 33.89 8.79
N THR C 107 1.77 32.60 8.67
CA THR C 107 2.80 31.56 8.77
C THR C 107 3.47 31.40 7.41
N VAL C 108 4.80 31.55 7.36
CA VAL C 108 5.56 31.54 6.11
C VAL C 108 6.46 30.32 6.10
N ILE C 109 6.27 29.43 5.13
CA ILE C 109 6.98 28.15 5.07
C ILE C 109 7.87 28.12 3.83
N LEU C 110 9.16 27.90 4.03
CA LEU C 110 10.11 27.76 2.93
C LEU C 110 10.48 26.29 2.73
N LEU C 111 10.43 25.81 1.48
CA LEU C 111 10.81 24.44 1.15
C LEU C 111 12.08 24.39 0.30
N ALA C 112 12.94 23.41 0.55
CA ALA C 112 14.19 23.30 -0.20
C ALA C 112 14.69 21.86 -0.19
N GLY C 113 15.65 21.59 -1.05
CA GLY C 113 16.19 20.25 -1.19
C GLY C 113 16.79 20.03 -2.56
N LEU C 114 17.39 18.84 -2.69
CA LEU C 114 18.01 18.39 -3.94
C LEU C 114 17.00 18.35 -5.09
N GLN C 115 17.53 18.23 -6.31
CA GLN C 115 16.69 18.10 -7.49
C GLN C 115 15.94 16.79 -7.47
N GLY C 116 14.61 16.86 -7.63
CA GLY C 116 13.78 15.70 -7.93
C GLY C 116 13.07 15.09 -6.74
N VAL C 117 13.29 15.59 -5.52
CA VAL C 117 12.80 14.95 -4.31
C VAL C 117 11.32 15.19 -4.06
N GLY C 118 10.69 16.14 -4.75
CA GLY C 118 9.25 16.29 -4.66
C GLY C 118 8.77 17.64 -4.15
N LYS C 119 9.62 18.67 -4.22
CA LYS C 119 9.34 19.91 -3.53
C LYS C 119 8.08 20.59 -4.05
N THR C 120 7.96 20.70 -5.38
CA THR C 120 6.78 21.34 -5.96
C THR C 120 5.50 20.60 -5.58
N THR C 121 5.52 19.27 -5.69
CA THR C 121 4.36 18.46 -5.34
C THR C 121 4.00 18.62 -3.87
N VAL C 122 4.99 18.81 -3.01
CA VAL C 122 4.72 18.88 -1.58
C VAL C 122 4.12 20.23 -1.22
N CYS C 123 4.57 21.32 -1.86
CA CYS C 123 3.99 22.64 -1.63
C CYS C 123 2.47 22.61 -1.72
N ALA C 124 1.95 22.00 -2.79
CA ALA C 124 0.51 21.95 -3.00
C ALA C 124 -0.14 20.94 -2.06
N LYS C 125 0.54 19.83 -1.78
CA LYS C 125 0.05 18.92 -0.75
C LYS C 125 -0.10 19.63 0.58
N LEU C 126 0.91 20.43 0.93
CA LEU C 126 0.87 21.20 2.17
C LEU C 126 -0.29 22.18 2.16
N ALA C 127 -0.46 22.92 1.07
CA ALA C 127 -1.59 23.84 0.95
C ALA C 127 -2.91 23.10 1.08
N CYS C 128 -3.00 21.90 0.52
CA CYS C 128 -4.23 21.10 0.63
C CYS C 128 -4.47 20.67 2.08
N TYR C 129 -3.40 20.29 2.76
CA TYR C 129 -3.44 19.80 4.13
C TYR C 129 -3.92 20.89 5.11
N LEU C 130 -3.35 22.10 4.99
CA LEU C 130 -3.68 23.18 5.89
C LEU C 130 -5.03 23.82 5.56
N LYS C 131 -5.42 23.84 4.28
CA LYS C 131 -6.73 24.34 3.91
C LYS C 131 -7.84 23.48 4.53
N LYS C 132 -7.57 22.18 4.74
CA LYS C 132 -8.51 21.33 5.47
C LYS C 132 -8.63 21.76 6.93
N GLN C 133 -7.66 22.51 7.46
CA GLN C 133 -7.69 23.01 8.82
C GLN C 133 -8.26 24.42 8.91
N GLY C 134 -8.86 24.93 7.84
CA GLY C 134 -9.47 26.24 7.85
C GLY C 134 -8.52 27.38 7.54
N LYS C 135 -7.23 27.12 7.39
CA LYS C 135 -6.30 28.16 6.99
C LYS C 135 -6.50 28.49 5.51
N SER C 136 -6.55 29.79 5.19
CA SER C 136 -6.49 30.22 3.80
C SER C 136 -5.02 30.36 3.40
N CYS C 137 -4.69 29.94 2.18
CA CYS C 137 -3.30 29.77 1.79
C CYS C 137 -2.97 30.54 0.52
N MET C 138 -1.68 30.58 0.23
CA MET C 138 -1.12 31.15 -1.00
C MET C 138 0.20 30.44 -1.25
N LEU C 139 0.44 30.05 -2.51
CA LEU C 139 1.71 29.47 -2.93
C LEU C 139 2.49 30.51 -3.74
N ILE C 140 3.82 30.43 -3.66
CA ILE C 140 4.73 31.34 -4.36
C ILE C 140 5.60 30.52 -5.29
N ALA C 141 5.50 30.79 -6.59
CA ALA C 141 6.33 30.13 -7.61
C ALA C 141 7.70 30.80 -7.65
N GLY C 142 8.65 30.22 -6.90
CA GLY C 142 10.01 30.73 -6.81
C GLY C 142 11.04 29.90 -7.54
N ASP C 143 10.64 28.98 -8.40
CA ASP C 143 11.55 28.23 -9.27
C ASP C 143 11.46 28.87 -10.65
N VAL C 144 12.46 29.67 -11.00
CA VAL C 144 12.52 30.36 -12.28
C VAL C 144 13.62 29.80 -13.18
N TYR C 145 14.23 28.67 -12.79
CA TYR C 145 15.24 28.00 -13.62
C TYR C 145 14.67 26.85 -14.44
N ARG C 146 13.97 25.93 -13.78
CA ARG C 146 13.48 24.72 -14.44
C ARG C 146 12.40 25.05 -15.46
N PRO C 147 12.43 24.40 -16.64
CA PRO C 147 11.40 24.66 -17.68
C PRO C 147 10.00 24.29 -17.21
N ALA C 148 9.04 25.20 -17.42
CA ALA C 148 7.63 25.00 -17.11
C ALA C 148 7.38 24.67 -15.65
N ALA C 149 8.33 25.01 -14.79
CA ALA C 149 8.20 24.76 -13.37
C ALA C 149 7.12 25.64 -12.73
N ILE C 150 7.02 26.90 -13.17
CA ILE C 150 5.95 27.79 -12.70
C ILE C 150 4.61 27.29 -13.21
N ASP C 151 4.57 26.89 -14.48
CA ASP C 151 3.37 26.28 -15.06
C ASP C 151 2.88 25.09 -14.23
N GLN C 152 3.81 24.29 -13.69
CA GLN C 152 3.46 23.12 -12.88
C GLN C 152 2.79 23.52 -11.57
N LEU C 153 3.34 24.52 -10.88
CA LEU C 153 2.76 24.92 -9.60
C LEU C 153 1.41 25.58 -9.78
N VAL C 154 1.24 26.34 -10.87
CA VAL C 154 -0.05 26.97 -11.14
C VAL C 154 -1.12 25.92 -11.38
N ILE C 155 -0.74 24.77 -11.95
CA ILE C 155 -1.71 23.71 -12.20
C ILE C 155 -2.05 22.99 -10.91
N LEU C 156 -1.05 22.74 -10.06
CA LEU C 156 -1.34 22.10 -8.79
C LEU C 156 -2.19 23.01 -7.90
N GLY C 157 -1.85 24.30 -7.85
CA GLY C 157 -2.62 25.24 -7.04
C GLY C 157 -4.07 25.34 -7.50
N GLU C 158 -4.30 25.36 -8.81
CA GLU C 158 -5.69 25.40 -9.29
C GLU C 158 -6.43 24.11 -8.92
N GLN C 159 -5.70 23.01 -8.77
CA GLN C 159 -6.28 21.71 -8.42
C GLN C 159 -6.76 21.68 -6.98
N VAL C 160 -5.95 22.19 -6.05
CA VAL C 160 -6.32 22.23 -4.64
C VAL C 160 -7.09 23.50 -4.28
N GLY C 161 -7.33 24.39 -5.24
CA GLY C 161 -8.07 25.62 -5.02
C GLY C 161 -7.39 26.67 -4.17
N VAL C 162 -6.09 26.88 -4.34
CA VAL C 162 -5.42 27.94 -3.61
C VAL C 162 -4.71 28.86 -4.61
N PRO C 163 -4.66 30.16 -4.36
CA PRO C 163 -3.98 31.05 -5.30
C PRO C 163 -2.49 30.76 -5.38
N VAL C 164 -1.89 31.15 -6.51
CA VAL C 164 -0.46 30.98 -6.76
C VAL C 164 0.08 32.30 -7.30
N TYR C 165 1.04 32.89 -6.58
CA TYR C 165 1.69 34.12 -7.03
C TYR C 165 2.89 33.80 -7.92
N THR C 166 2.98 34.48 -9.05
CA THR C 166 4.03 34.27 -10.03
C THR C 166 4.54 35.62 -10.53
N ALA C 167 5.85 35.72 -10.71
CA ALA C 167 6.46 36.86 -11.37
C ALA C 167 7.05 36.41 -12.70
N GLY C 168 7.28 37.38 -13.58
CA GLY C 168 7.59 37.05 -14.95
C GLY C 168 9.06 36.80 -15.24
N THR C 169 9.52 37.34 -16.36
CA THR C 169 10.89 37.12 -16.80
C THR C 169 11.87 37.80 -15.84
N ASP C 170 12.92 37.08 -15.47
CA ASP C 170 14.13 37.68 -14.88
C ASP C 170 13.84 38.53 -13.65
N VAL C 171 12.90 38.10 -12.79
CA VAL C 171 12.86 38.62 -11.43
C VAL C 171 13.37 37.50 -10.52
N LYS C 172 14.46 37.80 -9.82
CA LYS C 172 15.21 36.78 -9.09
C LYS C 172 14.39 36.24 -7.92
N PRO C 173 14.70 35.03 -7.46
CA PRO C 173 13.91 34.43 -6.36
C PRO C 173 13.81 35.31 -5.13
N ALA C 174 14.88 36.02 -4.78
CA ALA C 174 14.82 36.91 -3.62
C ALA C 174 13.74 37.95 -3.81
N ASP C 175 13.60 38.48 -5.02
CA ASP C 175 12.62 39.54 -5.24
C ASP C 175 11.19 39.00 -5.31
N ILE C 176 10.99 37.78 -5.84
CA ILE C 176 9.63 37.22 -5.83
C ILE C 176 9.21 36.83 -4.42
N ALA C 177 10.16 36.40 -3.58
CA ALA C 177 9.85 36.18 -2.16
C ALA C 177 9.19 37.40 -1.54
N LYS C 178 9.86 38.55 -1.65
CA LYS C 178 9.37 39.77 -1.02
C LYS C 178 8.00 40.17 -1.56
N GLN C 179 7.84 40.17 -2.89
CA GLN C 179 6.62 40.69 -3.49
C GLN C 179 5.41 39.82 -3.17
N GLY C 180 5.59 38.51 -3.11
CA GLY C 180 4.48 37.63 -2.78
C GLY C 180 4.06 37.73 -1.33
N LEU C 181 5.02 37.94 -0.43
CA LEU C 181 4.68 38.17 0.98
C LEU C 181 3.82 39.42 1.15
N LYS C 182 4.08 40.47 0.35
CA LYS C 182 3.20 41.63 0.35
C LYS C 182 1.83 41.26 -0.18
N GLU C 183 1.78 40.49 -1.26
CA GLU C 183 0.50 40.02 -1.80
C GLU C 183 -0.24 39.18 -0.75
N ALA C 184 0.49 38.44 0.08
CA ALA C 184 -0.14 37.57 1.07
C ALA C 184 -0.71 38.37 2.23
N LYS C 185 0.07 39.30 2.78
CA LYS C 185 -0.44 40.10 3.89
C LYS C 185 -1.56 41.03 3.45
N LYS C 186 -1.53 41.48 2.19
CA LYS C 186 -2.61 42.32 1.68
C LYS C 186 -3.93 41.55 1.64
N ASN C 187 -3.90 40.30 1.16
CA ASN C 187 -5.09 39.46 1.11
C ASN C 187 -5.38 38.75 2.43
N ASN C 188 -4.64 39.08 3.50
CA ASN C 188 -4.86 38.49 4.83
C ASN C 188 -4.76 36.96 4.79
N VAL C 189 -3.69 36.46 4.19
CA VAL C 189 -3.49 35.02 4.03
C VAL C 189 -2.91 34.46 5.32
N ASP C 190 -3.47 33.34 5.79
CA ASP C 190 -2.98 32.70 7.00
C ASP C 190 -1.61 32.03 6.78
N VAL C 191 -1.42 31.34 5.65
CA VAL C 191 -0.20 30.58 5.39
C VAL C 191 0.34 30.88 4.00
N VAL C 192 1.64 31.15 3.91
CA VAL C 192 2.34 31.29 2.64
C VAL C 192 3.36 30.16 2.55
N ILE C 193 3.35 29.44 1.43
CA ILE C 193 4.27 28.35 1.14
C ILE C 193 5.05 28.73 -0.11
N MET C 194 6.38 28.75 -0.01
CA MET C 194 7.23 29.11 -1.14
C MET C 194 7.97 27.90 -1.70
N ASP C 195 7.82 27.68 -3.01
CA ASP C 195 8.54 26.67 -3.77
C ASP C 195 9.85 27.25 -4.28
N THR C 196 10.92 26.45 -4.25
CA THR C 196 12.25 26.84 -4.72
C THR C 196 12.81 25.77 -5.65
N ALA C 197 13.65 26.19 -6.60
CA ALA C 197 14.30 25.23 -7.48
C ALA C 197 15.18 24.28 -6.68
N GLY C 198 15.30 23.05 -7.16
CA GLY C 198 16.23 22.11 -6.56
C GLY C 198 17.67 22.57 -6.72
N ARG C 199 18.50 22.23 -5.75
CA ARG C 199 19.89 22.65 -5.79
C ARG C 199 20.77 21.64 -5.06
N LEU C 200 21.99 21.49 -5.56
CA LEU C 200 23.02 20.74 -4.83
C LEU C 200 23.44 21.51 -3.59
N GLN C 201 23.57 20.81 -2.46
CA GLN C 201 23.98 21.49 -1.24
C GLN C 201 25.39 22.07 -1.35
N ILE C 202 26.17 21.62 -2.34
CA ILE C 202 27.53 22.11 -2.58
C ILE C 202 27.57 23.23 -3.62
N ASP C 203 26.44 23.61 -4.21
CA ASP C 203 26.41 24.70 -5.19
C ASP C 203 26.39 26.01 -4.39
N LYS C 204 27.57 26.58 -4.15
CA LYS C 204 27.66 27.72 -3.25
C LYS C 204 26.87 28.91 -3.78
N GLY C 205 26.88 29.12 -5.10
CA GLY C 205 26.03 30.13 -5.68
C GLY C 205 24.55 29.91 -5.34
N MET C 206 24.03 28.72 -5.68
CA MET C 206 22.61 28.47 -5.46
C MET C 206 22.26 28.41 -3.97
N MET C 207 23.16 27.89 -3.13
CA MET C 207 22.89 27.92 -1.69
C MET C 207 22.81 29.36 -1.18
N ASP C 208 23.69 30.23 -1.69
CA ASP C 208 23.62 31.64 -1.31
C ASP C 208 22.32 32.27 -1.74
N GLU C 209 21.84 31.96 -2.96
CA GLU C 209 20.53 32.43 -3.37
C GLU C 209 19.47 32.03 -2.36
N LEU C 210 19.54 30.78 -1.86
CA LEU C 210 18.55 30.29 -0.90
C LEU C 210 18.60 31.10 0.40
N LYS C 211 19.81 31.47 0.85
CA LYS C 211 19.93 32.34 2.02
C LYS C 211 19.20 33.65 1.81
N ASP C 212 19.30 34.21 0.61
CA ASP C 212 18.64 35.47 0.29
C ASP C 212 17.12 35.32 0.34
N VAL C 213 16.59 34.22 -0.20
CA VAL C 213 15.16 33.96 -0.14
C VAL C 213 14.69 33.88 1.31
N LYS C 214 15.44 33.17 2.15
CA LYS C 214 15.06 33.07 3.56
C LYS C 214 15.21 34.41 4.26
N LYS C 215 16.26 35.16 3.92
CA LYS C 215 16.46 36.48 4.52
C LYS C 215 15.28 37.41 4.21
N PHE C 216 14.81 37.41 2.97
CA PHE C 216 13.71 38.29 2.61
C PHE C 216 12.35 37.71 3.00
N LEU C 217 12.24 36.38 3.09
CA LEU C 217 10.98 35.75 3.50
C LEU C 217 10.73 35.88 4.99
N ASN C 218 11.80 35.80 5.79
CA ASN C 218 11.71 35.73 7.25
C ASN C 218 10.67 34.66 7.69
N PRO C 219 10.88 33.41 7.29
CA PRO C 219 9.80 32.42 7.41
C PRO C 219 9.67 31.81 8.81
N THR C 220 8.43 31.42 9.13
CA THR C 220 8.13 30.68 10.36
C THR C 220 8.76 29.29 10.33
N GLU C 221 8.77 28.66 9.15
CA GLU C 221 9.23 27.28 8.98
C GLU C 221 10.07 27.16 7.71
N VAL C 222 11.24 26.55 7.85
CA VAL C 222 12.08 26.18 6.71
C VAL C 222 12.19 24.67 6.74
N LEU C 223 11.51 24.01 5.81
CA LEU C 223 11.39 22.55 5.83
C LEU C 223 12.18 21.98 4.66
N LEU C 224 13.15 21.13 4.96
CA LEU C 224 13.94 20.44 3.96
C LEU C 224 13.21 19.19 3.48
N VAL C 225 13.06 19.04 2.17
CA VAL C 225 12.32 17.91 1.60
C VAL C 225 13.32 16.83 1.19
N VAL C 226 13.21 15.66 1.80
CA VAL C 226 14.19 14.58 1.66
C VAL C 226 13.53 13.36 1.06
N ASP C 227 14.16 12.79 0.05
CA ASP C 227 13.71 11.57 -0.60
C ASP C 227 14.00 10.37 0.29
N ALA C 228 13.00 9.50 0.46
CA ALA C 228 13.17 8.33 1.32
C ALA C 228 14.18 7.31 0.79
N MET C 229 14.42 7.29 -0.52
CA MET C 229 15.39 6.38 -1.12
C MET C 229 16.84 6.91 -1.05
N THR C 230 17.04 8.05 -0.38
CA THR C 230 18.34 8.68 -0.31
C THR C 230 19.32 7.75 0.40
N GLY C 231 20.54 7.70 -0.09
CA GLY C 231 21.54 6.79 0.43
C GLY C 231 22.46 7.49 1.40
N GLN C 232 23.73 7.08 1.39
CA GLN C 232 24.67 7.46 2.43
C GLN C 232 24.85 8.96 2.58
N GLU C 233 24.53 9.75 1.54
CA GLU C 233 24.67 11.20 1.62
C GLU C 233 23.67 11.87 2.54
N ALA C 234 22.70 11.14 3.10
CA ALA C 234 21.62 11.80 3.83
C ALA C 234 22.19 12.72 4.91
N ALA C 235 23.04 12.18 5.78
CA ALA C 235 23.49 12.96 6.94
C ALA C 235 24.33 14.15 6.49
N ALA C 236 25.23 13.96 5.52
CA ALA C 236 26.02 15.09 5.03
C ALA C 236 25.12 16.17 4.43
N LEU C 237 24.06 15.75 3.73
CA LEU C 237 23.10 16.66 3.13
C LEU C 237 22.33 17.47 4.18
N VAL C 238 21.76 16.80 5.18
CA VAL C 238 21.01 17.52 6.20
C VAL C 238 21.93 18.50 6.91
N THR C 239 23.18 18.09 7.17
CA THR C 239 24.11 18.90 7.95
C THR C 239 24.47 20.19 7.22
N THR C 240 24.63 20.11 5.89
CA THR C 240 25.00 21.29 5.10
C THR C 240 23.84 22.26 4.97
N PHE C 241 22.62 21.76 4.77
CA PHE C 241 21.50 22.68 4.65
C PHE C 241 21.25 23.39 5.96
N ASN C 242 21.38 22.67 7.07
CA ASN C 242 21.13 23.26 8.36
C ASN C 242 22.20 24.27 8.72
N VAL C 243 23.45 23.97 8.39
CA VAL C 243 24.52 24.90 8.75
C VAL C 243 24.52 26.10 7.82
N GLU C 244 24.28 25.87 6.52
CA GLU C 244 24.33 26.95 5.54
C GLU C 244 23.04 27.76 5.49
N ILE C 245 21.90 27.13 5.74
CA ILE C 245 20.59 27.78 5.66
C ILE C 245 19.90 27.84 7.01
N GLY C 246 19.99 26.78 7.80
CA GLY C 246 19.22 26.71 9.02
C GLY C 246 17.79 26.27 8.78
N ILE C 247 17.44 25.07 9.24
CA ILE C 247 16.12 24.52 8.98
C ILE C 247 15.39 24.29 10.29
N THR C 248 14.06 24.23 10.19
CA THR C 248 13.22 23.91 11.34
C THR C 248 12.64 22.51 11.29
N GLY C 249 12.78 21.79 10.19
CA GLY C 249 12.17 20.48 10.09
C GLY C 249 12.26 19.94 8.68
N ALA C 250 11.61 18.80 8.47
CA ALA C 250 11.80 18.11 7.21
C ALA C 250 10.51 17.39 6.82
N ILE C 251 10.35 17.20 5.51
CA ILE C 251 9.30 16.36 4.96
C ILE C 251 9.94 15.23 4.17
N LEU C 252 9.51 14.00 4.44
CA LEU C 252 10.05 12.81 3.78
C LEU C 252 9.09 12.35 2.67
N THR C 253 9.60 12.21 1.45
CA THR C 253 8.77 11.85 0.31
C THR C 253 8.98 10.41 -0.15
N LYS C 254 8.03 9.92 -0.95
CA LYS C 254 8.10 8.66 -1.70
C LYS C 254 8.19 7.43 -0.80
N LEU C 255 7.54 7.48 0.36
CA LEU C 255 7.49 6.34 1.28
C LEU C 255 6.58 5.21 0.80
N ASP C 256 5.84 5.42 -0.29
CA ASP C 256 5.13 4.33 -0.95
C ASP C 256 6.06 3.41 -1.73
N GLY C 257 7.34 3.72 -1.80
CA GLY C 257 8.30 2.78 -2.35
C GLY C 257 8.58 1.64 -1.38
N ASP C 258 9.63 0.90 -1.68
CA ASP C 258 10.02 -0.23 -0.84
C ASP C 258 11.41 -0.04 -0.25
N SER C 259 11.98 1.15 -0.34
CA SER C 259 13.19 1.46 0.38
C SER C 259 12.91 1.50 1.88
N ARG C 260 13.86 1.02 2.67
CA ARG C 260 13.64 0.98 4.10
C ARG C 260 13.63 2.37 4.71
N GLY C 261 14.21 3.38 4.03
CA GLY C 261 14.12 4.74 4.51
C GLY C 261 15.14 5.11 5.55
N GLY C 262 16.32 4.49 5.53
CA GLY C 262 17.39 4.79 6.47
C GLY C 262 17.77 6.25 6.55
N ALA C 263 17.48 7.02 5.50
CA ALA C 263 17.76 8.45 5.54
C ALA C 263 16.94 9.18 6.58
N ALA C 264 15.86 8.59 7.09
CA ALA C 264 15.08 9.25 8.13
C ALA C 264 15.82 9.28 9.47
N LEU C 265 16.61 8.25 9.74
CA LEU C 265 17.36 8.18 10.98
C LEU C 265 18.41 9.29 11.08
N SER C 266 18.87 9.85 9.95
CA SER C 266 19.93 10.85 10.04
C SER C 266 19.42 12.26 10.33
N VAL C 267 18.14 12.55 10.06
CA VAL C 267 17.66 13.93 10.01
C VAL C 267 17.77 14.62 11.38
N LYS C 268 17.11 14.06 12.39
CA LYS C 268 17.17 14.67 13.71
C LYS C 268 18.51 14.43 14.38
N GLU C 269 19.13 13.27 14.14
CA GLU C 269 20.38 12.95 14.82
C GLU C 269 21.49 13.97 14.51
N VAL C 270 21.48 14.58 13.32
CA VAL C 270 22.55 15.49 12.93
C VAL C 270 22.17 16.97 12.98
N SER C 271 20.88 17.29 13.06
CA SER C 271 20.45 18.68 13.05
C SER C 271 19.67 19.09 14.28
N GLY C 272 19.03 18.16 14.98
CA GLY C 272 18.13 18.51 16.06
C GLY C 272 16.70 18.75 15.63
N LYS C 273 16.42 18.87 14.27
CA LYS C 273 15.05 19.17 13.82
C LYS C 273 14.32 17.90 13.43
N PRO C 274 13.03 17.79 13.74
CA PRO C 274 12.30 16.55 13.44
C PRO C 274 11.82 16.49 11.99
N ILE C 275 11.64 15.27 11.51
CA ILE C 275 10.78 15.08 10.35
C ILE C 275 9.34 15.30 10.79
N LYS C 276 8.62 16.14 10.08
CA LYS C 276 7.27 16.50 10.49
C LYS C 276 6.18 15.88 9.63
N LEU C 277 6.41 15.70 8.35
CA LEU C 277 5.41 15.14 7.45
C LEU C 277 6.05 14.15 6.49
N VAL C 278 5.25 13.17 6.07
CA VAL C 278 5.67 12.21 5.07
C VAL C 278 4.66 12.22 3.94
N GLY C 279 5.15 11.96 2.73
CA GLY C 279 4.31 11.77 1.57
C GLY C 279 4.42 10.33 1.10
N ARG C 280 3.29 9.73 0.74
CA ARG C 280 3.29 8.38 0.21
C ARG C 280 2.38 8.27 -1.02
N GLY C 281 2.67 9.09 -2.02
CA GLY C 281 1.97 9.00 -3.29
C GLY C 281 1.97 10.33 -3.99
N GLU C 282 1.23 10.36 -5.11
CA GLU C 282 1.15 11.53 -5.98
C GLU C 282 -0.18 12.26 -5.87
N ARG C 283 -1.16 11.69 -5.18
CA ARG C 283 -2.40 12.41 -4.96
C ARG C 283 -2.15 13.60 -4.02
N MET C 284 -2.89 14.69 -4.24
CA MET C 284 -2.67 15.89 -3.42
C MET C 284 -2.94 15.64 -1.96
N GLU C 285 -3.75 14.63 -1.62
CA GLU C 285 -4.10 14.28 -0.26
C GLU C 285 -3.06 13.37 0.42
N ASP C 286 -2.10 12.82 -0.33
CA ASP C 286 -1.12 11.89 0.21
C ASP C 286 -0.06 12.56 1.09
N LEU C 287 -0.48 13.21 2.18
CA LEU C 287 0.45 13.80 3.15
C LEU C 287 -0.04 13.49 4.56
N GLU C 288 0.85 12.93 5.37
CA GLU C 288 0.56 12.43 6.70
C GLU C 288 1.57 12.99 7.70
N PRO C 289 1.25 12.94 8.99
CA PRO C 289 2.27 13.20 10.02
C PRO C 289 3.30 12.07 10.07
N PHE C 290 4.50 12.43 10.53
CA PHE C 290 5.59 11.49 10.68
C PHE C 290 5.54 10.86 12.07
N TYR C 291 5.46 9.53 12.12
CA TYR C 291 5.40 8.79 13.37
C TYR C 291 6.72 8.10 13.61
N PRO C 292 7.54 8.56 14.56
CA PRO C 292 8.81 7.86 14.83
C PRO C 292 8.64 6.35 15.01
N ASP C 293 7.52 5.93 15.60
CA ASP C 293 7.30 4.52 15.87
C ASP C 293 7.15 3.74 14.57
N ARG C 294 6.35 4.26 13.65
CA ARG C 294 6.15 3.60 12.36
C ARG C 294 7.45 3.52 11.58
N MET C 295 8.22 4.60 11.55
CA MET C 295 9.47 4.61 10.81
C MET C 295 10.50 3.67 11.45
N ALA C 296 10.52 3.60 12.78
CA ALA C 296 11.43 2.68 13.46
C ALA C 296 11.26 1.25 12.98
N GLY C 297 10.02 0.81 12.80
CA GLY C 297 9.79 -0.55 12.35
C GLY C 297 10.06 -0.77 10.89
N ARG C 298 9.79 0.23 10.06
CA ARG C 298 10.11 0.11 8.64
C ARG C 298 11.61 0.00 8.43
N ILE C 299 12.40 0.70 9.25
CA ILE C 299 13.85 0.64 9.10
C ILE C 299 14.37 -0.75 9.46
N LEU C 300 13.70 -1.44 10.38
CA LEU C 300 14.02 -2.83 10.66
C LEU C 300 12.96 -3.73 10.04
N HIS D 5 39.71 16.96 -2.09
CA HIS D 5 39.92 15.99 -1.00
C HIS D 5 39.87 14.56 -1.51
N HIS D 6 40.97 13.82 -1.28
CA HIS D 6 41.11 12.46 -1.80
C HIS D 6 41.14 11.47 -0.63
N VAL D 7 39.94 10.98 -0.28
CA VAL D 7 39.76 10.10 0.87
C VAL D 7 40.59 8.84 0.74
N ILE D 8 40.38 8.13 -0.36
CA ILE D 8 41.02 6.83 -0.55
C ILE D 8 42.53 6.99 -0.70
N ASP D 9 42.98 7.94 -1.53
CA ASP D 9 44.41 8.23 -1.63
C ASP D 9 45.03 8.50 -0.26
N GLU D 10 44.36 9.31 0.54
CA GLU D 10 44.92 9.68 1.82
C GLU D 10 45.03 8.48 2.76
N LEU D 11 44.01 7.62 2.80
CA LEU D 11 44.09 6.50 3.73
C LEU D 11 45.12 5.45 3.26
N LEU D 12 45.24 5.24 1.96
CA LEU D 12 46.24 4.28 1.46
C LEU D 12 47.67 4.72 1.74
N LEU D 13 47.92 6.03 1.89
CA LEU D 13 49.25 6.53 2.22
C LEU D 13 49.77 5.99 3.55
N PHE D 14 48.88 5.52 4.42
CA PHE D 14 49.31 4.96 5.69
C PHE D 14 49.81 3.53 5.56
N TRP D 15 49.82 2.94 4.35
CA TRP D 15 49.93 1.49 4.23
C TRP D 15 51.36 0.98 4.34
N ASN D 16 51.50 -0.06 5.15
CA ASN D 16 52.61 -1.00 5.08
C ASN D 16 52.02 -2.30 5.59
N LEU D 17 52.80 -3.38 5.48
CA LEU D 17 52.24 -4.70 5.78
C LEU D 17 51.70 -4.77 7.19
N ALA D 18 52.38 -4.14 8.15
CA ALA D 18 51.91 -4.18 9.53
C ALA D 18 50.67 -3.34 9.74
N GLU D 19 50.43 -2.38 8.87
CA GLU D 19 49.32 -1.45 9.01
C GLU D 19 48.10 -1.90 8.22
N THR D 20 48.13 -3.13 7.67
CA THR D 20 47.16 -3.57 6.67
C THR D 20 45.72 -3.54 7.19
N ASP D 21 45.50 -4.12 8.37
CA ASP D 21 44.14 -4.20 8.89
C ASP D 21 43.57 -2.83 9.20
N ARG D 22 44.40 -1.94 9.76
CA ARG D 22 43.96 -0.59 10.01
C ARG D 22 43.62 0.12 8.69
N VAL D 23 44.43 -0.07 7.66
CA VAL D 23 44.13 0.58 6.39
C VAL D 23 42.84 0.01 5.77
N LEU D 24 42.66 -1.31 5.80
CA LEU D 24 41.47 -1.89 5.17
C LEU D 24 40.19 -1.52 5.93
N ASP D 25 40.25 -1.41 7.26
CA ASP D 25 39.12 -0.87 8.02
C ASP D 25 38.70 0.50 7.52
N GLU D 26 39.69 1.38 7.25
CA GLU D 26 39.38 2.69 6.69
C GLU D 26 38.87 2.59 5.26
N LEU D 27 39.47 1.72 4.45
CA LEU D 27 39.03 1.55 3.07
C LEU D 27 37.58 1.09 3.02
N GLU D 28 37.21 0.14 3.90
CA GLU D 28 35.83 -0.33 3.97
C GLU D 28 34.86 0.82 4.26
N GLU D 29 35.18 1.67 5.24
CA GLU D 29 34.31 2.80 5.53
C GLU D 29 34.17 3.73 4.32
N ALA D 30 35.27 3.92 3.56
CA ALA D 30 35.20 4.80 2.39
C ALA D 30 34.33 4.20 1.28
N LEU D 31 34.31 2.88 1.16
CA LEU D 31 33.47 2.22 0.17
C LEU D 31 32.00 2.23 0.59
N LEU D 32 31.75 2.02 1.88
CA LEU D 32 30.40 2.11 2.43
C LEU D 32 29.79 3.47 2.19
N VAL D 33 30.60 4.53 2.31
CA VAL D 33 30.10 5.89 2.19
C VAL D 33 29.89 6.24 0.73
N SER D 34 30.46 5.46 -0.19
CA SER D 34 30.22 5.63 -1.61
C SER D 34 28.98 4.89 -2.10
N ASP D 35 28.25 4.22 -1.20
CA ASP D 35 26.99 3.52 -1.50
C ASP D 35 27.21 2.21 -2.26
N PHE D 36 28.37 1.57 -2.06
CA PHE D 36 28.58 0.23 -2.61
C PHE D 36 27.76 -0.83 -1.89
N GLY D 37 27.47 -0.64 -0.61
CA GLY D 37 26.73 -1.62 0.17
C GLY D 37 27.67 -2.56 0.90
N PRO D 38 27.19 -3.15 2.00
CA PRO D 38 28.09 -4.04 2.77
C PRO D 38 28.48 -5.29 2.02
N LYS D 39 27.56 -5.88 1.25
CA LYS D 39 27.89 -7.13 0.56
C LYS D 39 29.02 -6.92 -0.43
N ILE D 40 28.94 -5.87 -1.26
CA ILE D 40 30.01 -5.66 -2.23
C ILE D 40 31.30 -5.17 -1.54
N THR D 41 31.17 -4.35 -0.50
CA THR D 41 32.35 -3.84 0.20
C THR D 41 33.18 -4.97 0.83
N VAL D 42 32.52 -5.91 1.49
CA VAL D 42 33.23 -7.01 2.15
C VAL D 42 33.99 -7.86 1.12
N ARG D 43 33.41 -8.05 -0.06
CA ARG D 43 34.04 -8.91 -1.07
C ARG D 43 35.24 -8.22 -1.73
N ILE D 44 35.11 -6.92 -2.03
CA ILE D 44 36.25 -6.16 -2.54
C ILE D 44 37.39 -6.15 -1.52
N VAL D 45 37.06 -5.91 -0.25
CA VAL D 45 38.12 -5.73 0.74
C VAL D 45 38.77 -7.07 1.09
N GLU D 46 37.99 -8.14 1.16
CA GLU D 46 38.58 -9.45 1.39
C GLU D 46 39.55 -9.83 0.29
N ARG D 47 39.20 -9.51 -0.95
CA ARG D 47 40.04 -9.83 -2.10
C ARG D 47 41.35 -9.06 -2.07
N LEU D 48 41.32 -7.79 -1.65
CA LEU D 48 42.53 -7.02 -1.45
C LEU D 48 43.38 -7.55 -0.31
N ARG D 49 42.75 -8.08 0.75
CA ARG D 49 43.51 -8.55 1.90
C ARG D 49 44.29 -9.81 1.54
N GLU D 50 43.72 -10.69 0.72
CA GLU D 50 44.44 -11.87 0.27
C GLU D 50 45.64 -11.48 -0.59
N ASP D 51 45.44 -10.53 -1.53
CA ASP D 51 46.53 -10.12 -2.40
C ASP D 51 47.60 -9.32 -1.67
N ILE D 52 47.24 -8.67 -0.56
CA ILE D 52 48.26 -8.01 0.26
C ILE D 52 49.03 -9.03 1.07
N MET D 53 48.32 -9.94 1.74
CA MET D 53 48.97 -10.92 2.59
C MET D 53 49.88 -11.85 1.79
N SER D 54 49.58 -12.10 0.52
CA SER D 54 50.41 -12.97 -0.29
C SER D 54 51.64 -12.27 -0.85
N GLY D 55 51.80 -10.97 -0.60
CA GLY D 55 52.94 -10.24 -1.11
C GLY D 55 52.80 -9.79 -2.55
N LYS D 56 51.63 -9.97 -3.16
CA LYS D 56 51.40 -9.55 -4.53
C LYS D 56 51.19 -8.04 -4.65
N LEU D 57 50.57 -7.41 -3.65
CA LEU D 57 50.35 -5.97 -3.62
C LEU D 57 51.37 -5.34 -2.68
N LYS D 58 52.21 -4.44 -3.21
CA LYS D 58 53.42 -4.05 -2.52
C LYS D 58 53.49 -2.57 -2.15
N SER D 59 52.45 -1.79 -2.45
CA SER D 59 52.47 -0.36 -2.16
C SER D 59 51.04 0.17 -2.17
N GLY D 60 50.88 1.37 -1.60
CA GLY D 60 49.58 2.01 -1.63
C GLY D 60 49.00 2.10 -3.03
N SER D 61 49.85 2.43 -4.01
CA SER D 61 49.34 2.59 -5.37
C SER D 61 49.00 1.25 -6.02
N GLU D 62 49.73 0.17 -5.72
CA GLU D 62 49.34 -1.16 -6.22
C GLU D 62 48.00 -1.59 -5.63
N ILE D 63 47.75 -1.22 -4.37
CA ILE D 63 46.47 -1.54 -3.75
C ILE D 63 45.35 -0.79 -4.45
N LYS D 64 45.56 0.50 -4.69
CA LYS D 64 44.56 1.32 -5.35
C LYS D 64 44.29 0.84 -6.77
N ASP D 65 45.32 0.34 -7.46
CA ASP D 65 45.11 -0.23 -8.78
C ASP D 65 44.32 -1.52 -8.72
N ALA D 66 44.62 -2.40 -7.75
CA ALA D 66 43.82 -3.61 -7.64
C ALA D 66 42.37 -3.26 -7.30
N LEU D 67 42.17 -2.18 -6.54
CA LEU D 67 40.82 -1.75 -6.17
C LEU D 67 40.01 -1.38 -7.41
N LYS D 68 40.60 -0.56 -8.28
CA LYS D 68 39.92 -0.19 -9.51
C LYS D 68 39.66 -1.41 -10.37
N GLU D 69 40.67 -2.29 -10.46
CA GLU D 69 40.55 -3.47 -11.28
C GLU D 69 39.33 -4.28 -10.92
N SER D 70 39.04 -4.41 -9.62
CA SER D 70 37.91 -5.23 -9.21
C SER D 70 36.58 -4.53 -9.43
N VAL D 71 36.53 -3.19 -9.38
CA VAL D 71 35.30 -2.52 -9.80
C VAL D 71 35.11 -2.62 -11.30
N LEU D 72 36.21 -2.53 -12.08
CA LEU D 72 36.09 -2.67 -13.53
C LEU D 72 35.61 -4.07 -13.92
N GLU D 73 36.04 -5.10 -13.20
CA GLU D 73 35.56 -6.44 -13.55
C GLU D 73 34.05 -6.56 -13.38
N MET D 74 33.45 -5.84 -12.44
CA MET D 74 32.00 -5.86 -12.27
C MET D 74 31.30 -5.15 -13.42
N LEU D 75 31.77 -3.97 -13.80
CA LEU D 75 31.19 -3.27 -14.95
C LEU D 75 31.32 -4.09 -16.22
N ALA D 76 32.34 -4.94 -16.32
CA ALA D 76 32.51 -5.71 -17.54
C ALA D 76 31.59 -6.93 -17.62
N LYS D 77 30.85 -7.23 -16.56
CA LYS D 77 29.88 -8.32 -16.58
C LYS D 77 28.57 -7.94 -17.30
N LYS D 78 28.58 -6.81 -18.00
CA LYS D 78 27.50 -6.44 -18.89
C LYS D 78 27.40 -7.45 -20.03
N ASN D 79 26.17 -7.56 -20.59
CA ASN D 79 25.83 -8.52 -21.64
C ASN D 79 25.80 -7.91 -23.03
N SER D 80 25.88 -6.58 -23.13
CA SER D 80 25.85 -5.89 -24.40
C SER D 80 26.78 -4.69 -24.28
N LYS D 81 26.94 -3.97 -25.39
CA LYS D 81 27.87 -2.85 -25.42
C LYS D 81 27.22 -1.58 -24.87
N THR D 82 28.07 -0.59 -24.54
CA THR D 82 27.60 0.66 -23.96
C THR D 82 27.07 1.62 -25.00
N GLU D 83 27.36 1.40 -26.28
CA GLU D 83 26.75 2.22 -27.30
C GLU D 83 25.25 1.96 -27.38
N LEU D 84 24.51 2.96 -27.87
CA LEU D 84 23.12 2.75 -28.25
C LEU D 84 23.04 1.74 -29.41
N GLN D 85 22.03 0.89 -29.36
CA GLN D 85 21.87 -0.19 -30.33
C GLN D 85 20.57 0.01 -31.10
N LEU D 86 20.56 1.00 -31.99
CA LEU D 86 19.43 1.21 -32.89
C LEU D 86 19.47 0.17 -34.00
N GLY D 87 18.34 -0.06 -34.62
CA GLY D 87 18.36 -1.14 -35.60
C GLY D 87 18.92 -0.75 -36.94
N PHE D 88 18.24 -1.20 -37.99
CA PHE D 88 18.39 -0.68 -39.33
C PHE D 88 17.05 -0.21 -39.89
N ARG D 89 15.99 -0.30 -39.12
CA ARG D 89 14.71 0.25 -39.52
C ARG D 89 14.61 1.73 -39.14
N LYS D 90 13.68 2.41 -39.79
CA LYS D 90 13.42 3.80 -39.52
C LYS D 90 11.95 3.92 -39.16
N PRO D 91 11.67 4.50 -37.98
CA PRO D 91 12.67 5.01 -37.05
C PRO D 91 13.10 3.98 -36.00
N ALA D 92 14.25 4.23 -35.41
CA ALA D 92 14.59 3.57 -34.15
C ALA D 92 13.79 4.20 -33.02
N VAL D 93 13.46 3.43 -31.99
CA VAL D 93 12.60 3.90 -30.89
C VAL D 93 13.33 3.73 -29.56
N ILE D 94 13.42 4.80 -28.80
CA ILE D 94 14.07 4.80 -27.50
C ILE D 94 13.04 5.22 -26.45
N MET D 95 12.80 4.37 -25.46
CA MET D 95 11.95 4.69 -24.34
C MET D 95 12.81 5.01 -23.11
N ILE D 96 12.40 6.03 -22.35
CA ILE D 96 13.08 6.46 -21.14
C ILE D 96 12.11 6.29 -19.97
N VAL D 97 12.45 5.38 -19.04
CA VAL D 97 11.58 4.98 -17.95
C VAL D 97 12.31 5.13 -16.62
N GLY D 98 11.58 5.10 -15.52
CA GLY D 98 12.23 5.06 -14.23
C GLY D 98 11.43 5.76 -13.15
N VAL D 99 11.93 5.65 -11.91
CA VAL D 99 11.16 6.15 -10.76
C VAL D 99 10.99 7.66 -10.84
N ASN D 100 10.03 8.17 -10.07
CA ASN D 100 9.69 9.58 -10.07
C ASN D 100 10.86 10.46 -9.64
N GLY D 101 11.16 11.50 -10.41
CA GLY D 101 12.11 12.51 -10.03
C GLY D 101 13.55 12.23 -10.40
N GLY D 102 13.82 11.07 -11.03
CA GLY D 102 15.20 10.66 -11.24
C GLY D 102 15.94 11.42 -12.32
N GLY D 103 15.25 11.89 -13.35
CA GLY D 103 15.90 12.70 -14.38
C GLY D 103 15.55 12.31 -15.80
N LYS D 104 14.42 11.64 -15.96
CA LYS D 104 13.99 11.09 -17.25
C LYS D 104 13.90 12.16 -18.34
N THR D 105 13.14 13.23 -18.10
CA THR D 105 12.80 14.17 -19.16
C THR D 105 13.99 15.02 -19.57
N THR D 106 14.76 15.49 -18.58
CA THR D 106 16.01 16.22 -18.86
C THR D 106 17.01 15.35 -19.61
N SER D 107 17.11 14.05 -19.24
CA SER D 107 18.04 13.17 -19.92
C SER D 107 17.64 13.02 -21.38
N LEU D 108 16.34 12.91 -21.64
CA LEU D 108 15.86 12.81 -22.99
C LEU D 108 16.22 14.06 -23.79
N GLY D 109 16.00 15.24 -23.19
CA GLY D 109 16.42 16.48 -23.84
C GLY D 109 17.90 16.49 -24.16
N LYS D 110 18.71 16.04 -23.21
CA LYS D 110 20.15 16.07 -23.39
C LYS D 110 20.58 15.06 -24.45
N LEU D 111 19.93 13.91 -24.50
CA LEU D 111 20.23 12.91 -25.51
C LEU D 111 19.85 13.38 -26.90
N ALA D 112 18.67 14.00 -27.03
CA ALA D 112 18.27 14.57 -28.32
C ALA D 112 19.31 15.58 -28.81
N HIS D 113 19.92 16.31 -27.87
CA HIS D 113 20.91 17.30 -28.25
C HIS D 113 22.14 16.62 -28.88
N ARG D 114 22.59 15.50 -28.30
CA ARG D 114 23.71 14.76 -28.88
C ARG D 114 23.37 14.19 -30.25
N LEU D 115 22.20 13.53 -30.38
CA LEU D 115 21.77 12.99 -31.67
C LEU D 115 21.66 14.08 -32.74
N LYS D 116 21.06 15.23 -32.39
CA LYS D 116 20.89 16.28 -33.40
C LYS D 116 22.24 16.75 -33.91
N ASN D 117 23.20 16.91 -33.00
CA ASN D 117 24.55 17.31 -33.37
C ASN D 117 25.19 16.33 -34.34
N GLU D 118 24.78 15.06 -34.32
CA GLU D 118 25.28 14.03 -35.23
C GLU D 118 24.50 13.93 -36.55
N GLY D 119 23.64 14.89 -36.87
CA GLY D 119 22.84 14.80 -38.09
C GLY D 119 21.57 13.98 -38.00
N THR D 120 21.31 13.34 -36.87
CA THR D 120 20.12 12.50 -36.70
C THR D 120 18.84 13.35 -36.71
N LYS D 121 17.80 12.83 -37.37
CA LYS D 121 16.48 13.46 -37.40
C LYS D 121 15.63 12.90 -36.25
N VAL D 122 15.25 13.76 -35.30
CA VAL D 122 14.76 13.30 -34.00
C VAL D 122 13.33 13.77 -33.76
N LEU D 123 12.50 12.88 -33.18
CA LEU D 123 11.14 13.18 -32.80
C LEU D 123 10.96 12.83 -31.32
N MET D 124 10.32 13.72 -30.57
CA MET D 124 10.03 13.50 -29.16
C MET D 124 8.56 13.12 -28.98
N ALA D 125 8.30 12.17 -28.09
CA ALA D 125 6.95 11.77 -27.74
C ALA D 125 6.71 12.08 -26.26
N ALA D 126 5.72 12.93 -26.00
CA ALA D 126 5.41 13.30 -24.61
C ALA D 126 4.43 12.26 -24.08
N GLY D 127 4.99 11.12 -23.67
CA GLY D 127 4.20 10.03 -23.13
C GLY D 127 3.87 10.12 -21.65
N ASP D 128 4.37 11.13 -20.94
CA ASP D 128 3.91 11.41 -19.57
C ASP D 128 2.63 12.22 -19.67
N THR D 129 1.48 11.54 -19.55
CA THR D 129 0.17 12.17 -19.58
C THR D 129 -0.42 12.32 -18.19
N PHE D 130 0.37 12.12 -17.13
CA PHE D 130 -0.16 12.24 -15.78
C PHE D 130 0.26 13.53 -15.08
N ARG D 131 1.56 13.75 -14.91
CA ARG D 131 2.05 14.81 -14.03
C ARG D 131 1.84 16.20 -14.62
N ALA D 132 1.56 17.17 -13.73
CA ALA D 132 1.31 18.53 -14.14
C ALA D 132 2.48 19.11 -14.94
N ALA D 133 2.16 19.68 -16.10
CA ALA D 133 3.07 20.38 -16.99
C ALA D 133 4.14 19.46 -17.59
N ALA D 134 3.91 18.14 -17.62
CA ALA D 134 4.88 17.20 -18.18
C ALA D 134 5.14 17.49 -19.65
N SER D 135 4.07 17.55 -20.47
CA SER D 135 4.20 17.89 -21.89
C SER D 135 4.90 19.22 -22.09
N ASP D 136 4.53 20.24 -21.31
CA ASP D 136 5.10 21.58 -21.51
C ASP D 136 6.60 21.58 -21.24
N GLN D 137 7.01 20.92 -20.16
CA GLN D 137 8.42 20.80 -19.87
C GLN D 137 9.16 20.14 -21.02
N LEU D 138 8.58 19.07 -21.56
CA LEU D 138 9.20 18.39 -22.69
C LEU D 138 9.19 19.27 -23.94
N GLU D 139 8.12 20.05 -24.14
CA GLU D 139 8.05 20.94 -25.30
C GLU D 139 9.18 21.96 -25.31
N ILE D 140 9.55 22.47 -24.13
CA ILE D 140 10.66 23.43 -24.06
C ILE D 140 11.96 22.77 -24.50
N TRP D 141 12.23 21.56 -24.01
CA TRP D 141 13.39 20.81 -24.46
C TRP D 141 13.36 20.58 -25.98
N ALA D 142 12.19 20.29 -26.54
CA ALA D 142 12.08 20.14 -27.98
C ALA D 142 12.46 21.43 -28.70
N GLU D 143 12.01 22.56 -28.17
CA GLU D 143 12.36 23.84 -28.78
C GLU D 143 13.86 24.10 -28.70
N ARG D 144 14.50 23.72 -27.57
CA ARG D 144 15.93 23.98 -27.41
C ARG D 144 16.78 23.13 -28.33
N THR D 145 16.37 21.88 -28.56
CA THR D 145 17.19 21.01 -29.37
C THR D 145 16.79 20.99 -30.84
N GLY D 146 15.71 21.67 -31.22
CA GLY D 146 15.26 21.67 -32.59
C GLY D 146 14.52 20.42 -33.03
N CYS D 147 13.84 19.75 -32.11
CA CYS D 147 13.07 18.55 -32.38
C CYS D 147 11.59 18.90 -32.48
N GLU D 148 10.89 18.25 -33.40
CA GLU D 148 9.44 18.24 -33.31
C GLU D 148 9.01 17.33 -32.16
N ILE D 149 7.77 17.47 -31.75
CA ILE D 149 7.28 16.73 -30.59
C ILE D 149 5.83 16.34 -30.84
N VAL D 150 5.46 15.13 -30.41
CA VAL D 150 4.08 14.66 -30.45
C VAL D 150 3.52 14.70 -29.04
N VAL D 151 2.34 15.27 -28.89
CA VAL D 151 1.74 15.53 -27.60
C VAL D 151 0.33 14.98 -27.60
N ALA D 152 -0.13 14.54 -26.44
CA ALA D 152 -1.50 14.06 -26.28
C ALA D 152 -2.51 15.16 -26.60
N GLU D 153 -3.62 14.76 -27.23
CA GLU D 153 -4.68 15.71 -27.57
C GLU D 153 -5.66 15.94 -26.43
N GLY D 154 -6.11 14.89 -25.75
CA GLY D 154 -7.03 15.03 -24.65
C GLY D 154 -6.35 14.94 -23.29
N ASP D 155 -7.14 15.21 -22.25
CA ASP D 155 -6.70 15.06 -20.86
C ASP D 155 -6.81 13.64 -20.36
N LYS D 156 -7.70 12.85 -20.96
CA LYS D 156 -7.85 11.44 -20.64
C LYS D 156 -6.84 10.56 -21.38
N ALA D 157 -5.78 11.15 -21.95
CA ALA D 157 -4.99 10.47 -22.96
C ALA D 157 -4.10 9.39 -22.36
N LYS D 158 -4.09 8.24 -23.01
CA LYS D 158 -3.27 7.13 -22.56
C LYS D 158 -1.86 7.24 -23.12
N ALA D 159 -0.86 7.05 -22.25
CA ALA D 159 0.54 7.06 -22.67
C ALA D 159 0.78 6.12 -23.85
N ALA D 160 0.22 4.91 -23.81
CA ALA D 160 0.42 3.98 -24.92
C ALA D 160 -0.18 4.51 -26.21
N THR D 161 -1.21 5.36 -26.14
CA THR D 161 -1.76 5.92 -27.36
C THR D 161 -0.84 6.99 -27.95
N VAL D 162 -0.28 7.86 -27.10
CA VAL D 162 0.61 8.91 -27.58
C VAL D 162 1.88 8.32 -28.17
N LEU D 163 2.48 7.33 -27.50
CA LEU D 163 3.68 6.71 -28.05
C LEU D 163 3.35 6.01 -29.36
N SER D 164 2.16 5.42 -29.45
CA SER D 164 1.73 4.80 -30.69
C SER D 164 1.57 5.83 -31.82
N LYS D 165 1.00 7.00 -31.52
CA LYS D 165 0.86 8.00 -32.57
C LYS D 165 2.21 8.57 -32.97
N ALA D 166 3.10 8.82 -32.00
CA ALA D 166 4.41 9.38 -32.28
C ALA D 166 5.21 8.49 -33.23
N VAL D 167 5.28 7.19 -32.92
CA VAL D 167 6.06 6.25 -33.72
C VAL D 167 5.48 6.08 -35.12
N LYS D 168 4.15 6.13 -35.26
CA LYS D 168 3.53 6.09 -36.58
C LYS D 168 3.94 7.32 -37.38
N ARG D 169 3.90 8.50 -36.73
CA ARG D 169 4.39 9.71 -37.37
C ARG D 169 5.89 9.62 -37.66
N GLY D 170 6.66 9.08 -36.71
CA GLY D 170 8.06 8.80 -36.95
C GLY D 170 8.30 7.95 -38.17
N LYS D 171 7.39 7.01 -38.45
CA LYS D 171 7.52 6.16 -39.62
C LYS D 171 7.16 6.89 -40.91
N GLU D 172 5.98 7.51 -40.97
CA GLU D 172 5.53 8.12 -42.21
C GLU D 172 6.40 9.28 -42.64
N GLU D 173 7.07 9.95 -41.71
CA GLU D 173 7.82 11.16 -42.01
C GLU D 173 9.32 10.92 -42.10
N GLY D 174 9.75 9.67 -41.96
CA GLY D 174 11.14 9.27 -42.18
C GLY D 174 12.13 9.72 -41.12
N TYR D 175 11.71 9.77 -39.86
CA TYR D 175 12.62 10.13 -38.78
C TYR D 175 13.62 9.01 -38.52
N ASP D 176 14.79 9.38 -38.03
CA ASP D 176 15.76 8.35 -37.66
C ASP D 176 15.47 7.79 -36.27
N VAL D 177 15.06 8.65 -35.33
CA VAL D 177 14.91 8.29 -33.94
C VAL D 177 13.65 8.94 -33.37
N VAL D 178 12.90 8.18 -32.57
CA VAL D 178 11.77 8.68 -31.80
C VAL D 178 12.10 8.46 -30.33
N LEU D 179 12.27 9.55 -29.57
CA LEU D 179 12.55 9.50 -28.13
C LEU D 179 11.26 9.63 -27.32
N CYS D 180 10.96 8.62 -26.50
CA CYS D 180 9.68 8.55 -25.77
C CYS D 180 9.88 8.80 -24.27
N ASP D 181 9.33 9.90 -23.78
CA ASP D 181 9.23 10.16 -22.34
C ASP D 181 8.05 9.39 -21.74
N THR D 182 8.21 8.93 -20.50
CA THR D 182 7.13 8.30 -19.77
C THR D 182 6.99 8.95 -18.41
N SER D 183 5.81 8.86 -17.84
CA SER D 183 5.59 9.39 -16.50
C SER D 183 6.40 8.60 -15.47
N GLY D 184 6.73 9.27 -14.36
CA GLY D 184 7.43 8.60 -13.27
C GLY D 184 6.52 7.56 -12.63
N ARG D 185 7.10 6.41 -12.27
CA ARG D 185 6.35 5.36 -11.60
C ARG D 185 7.28 4.60 -10.66
N LEU D 186 6.75 4.20 -9.50
CA LEU D 186 7.49 3.33 -8.60
C LEU D 186 7.37 1.88 -9.04
N HIS D 187 8.47 1.14 -8.90
CA HIS D 187 8.47 -0.26 -9.33
C HIS D 187 7.54 -1.13 -8.49
N THR D 188 7.05 -0.65 -7.35
CA THR D 188 6.05 -1.36 -6.56
C THR D 188 4.62 -1.05 -6.96
N ASN D 189 4.41 -0.31 -8.05
CA ASN D 189 3.06 0.04 -8.47
C ASN D 189 2.72 -0.83 -9.68
N TYR D 190 1.96 -1.91 -9.43
CA TYR D 190 1.77 -2.96 -10.43
C TYR D 190 1.07 -2.45 -11.67
N SER D 191 0.01 -1.65 -11.50
CA SER D 191 -0.77 -1.18 -12.65
C SER D 191 0.01 -0.16 -13.48
N LEU D 192 0.80 0.70 -12.83
CA LEU D 192 1.67 1.57 -13.62
C LEU D 192 2.76 0.78 -14.31
N MET D 193 3.29 -0.27 -13.66
CA MET D 193 4.26 -1.10 -14.36
C MET D 193 3.63 -1.80 -15.56
N GLU D 194 2.35 -2.20 -15.45
CA GLU D 194 1.62 -2.79 -16.58
C GLU D 194 1.48 -1.83 -17.75
N GLU D 195 1.34 -0.54 -17.46
CA GLU D 195 1.20 0.43 -18.54
C GLU D 195 2.50 0.52 -19.36
N LEU D 196 3.63 0.17 -18.74
CA LEU D 196 4.90 0.09 -19.46
C LEU D 196 4.89 -1.05 -20.46
N ILE D 197 4.38 -2.22 -20.06
CA ILE D 197 4.19 -3.32 -21.00
C ILE D 197 3.30 -2.87 -22.16
N ALA D 198 2.22 -2.13 -21.86
CA ALA D 198 1.32 -1.72 -22.92
C ALA D 198 1.99 -0.75 -23.90
N CYS D 199 2.85 0.14 -23.39
CA CYS D 199 3.55 1.08 -24.27
C CYS D 199 4.53 0.36 -25.19
N LYS D 200 5.25 -0.61 -24.64
CA LYS D 200 6.18 -1.39 -25.45
C LYS D 200 5.43 -2.18 -26.52
N LYS D 201 4.33 -2.80 -26.15
CA LYS D 201 3.53 -3.56 -27.11
C LYS D 201 3.02 -2.66 -28.23
N ALA D 202 2.58 -1.44 -27.89
CA ALA D 202 1.92 -0.60 -28.89
C ALA D 202 2.92 -0.10 -29.93
N VAL D 203 4.08 0.30 -29.45
CA VAL D 203 5.19 0.77 -30.25
C VAL D 203 5.73 -0.37 -31.13
N GLY D 204 5.65 -1.61 -30.67
CA GLY D 204 6.10 -2.73 -31.47
C GLY D 204 5.17 -3.15 -32.57
N LYS D 205 3.90 -2.79 -32.47
CA LYS D 205 2.96 -3.07 -33.55
C LYS D 205 3.10 -2.10 -34.73
N ILE D 206 3.92 -1.07 -34.61
CA ILE D 206 4.09 -0.08 -35.67
C ILE D 206 5.44 -0.24 -36.37
N VAL D 207 6.49 -0.51 -35.60
CA VAL D 207 7.80 -0.86 -36.14
C VAL D 207 8.28 -2.12 -35.44
N SER D 208 8.61 -3.15 -36.21
CA SER D 208 9.05 -4.41 -35.64
C SER D 208 10.44 -4.26 -35.03
N GLY D 209 10.61 -4.78 -33.82
CA GLY D 209 11.81 -4.53 -33.07
C GLY D 209 11.71 -3.33 -32.13
N ALA D 210 10.72 -2.47 -32.30
CA ALA D 210 10.58 -1.29 -31.40
C ALA D 210 9.93 -1.71 -30.09
N PRO D 211 10.42 -1.17 -28.97
CA PRO D 211 11.53 -0.22 -28.85
C PRO D 211 12.92 -0.84 -28.89
N ASN D 212 13.85 -0.21 -29.61
CA ASN D 212 15.21 -0.73 -29.71
C ASN D 212 16.02 -0.47 -28.46
N GLU D 213 15.64 0.54 -27.67
CA GLU D 213 16.23 0.77 -26.36
C GLU D 213 15.16 1.16 -25.35
N ILE D 214 15.22 0.58 -24.15
CA ILE D 214 14.50 1.06 -22.98
C ILE D 214 15.56 1.42 -21.96
N LEU D 215 15.74 2.74 -21.71
CA LEU D 215 16.79 3.20 -20.81
C LEU D 215 16.19 3.49 -19.44
N LEU D 216 16.72 2.84 -18.40
CA LEU D 216 16.29 3.09 -17.02
C LEU D 216 17.14 4.20 -16.43
N VAL D 217 16.47 5.27 -15.97
CA VAL D 217 17.13 6.37 -15.28
C VAL D 217 17.22 6.07 -13.78
N LEU D 218 18.44 6.10 -13.24
CA LEU D 218 18.71 5.87 -11.82
C LEU D 218 19.28 7.15 -11.20
N ASP D 219 18.56 7.68 -10.22
CA ASP D 219 19.00 8.87 -9.49
C ASP D 219 20.30 8.54 -8.75
N GLY D 220 21.35 9.34 -9.00
CA GLY D 220 22.65 9.12 -8.39
C GLY D 220 22.64 9.21 -6.87
N ASN D 221 21.70 9.98 -6.31
CA ASN D 221 21.51 10.10 -4.86
C ASN D 221 20.95 8.84 -4.21
N THR D 222 20.38 7.92 -4.99
CA THR D 222 19.77 6.74 -4.39
C THR D 222 20.84 5.78 -3.88
N GLY D 223 20.59 5.21 -2.71
CA GLY D 223 21.42 4.15 -2.20
C GLY D 223 21.05 2.81 -2.79
N LEU D 224 20.96 1.79 -1.93
CA LEU D 224 20.84 0.42 -2.37
C LEU D 224 19.49 0.11 -2.98
N ASN D 225 18.52 1.04 -2.91
CA ASN D 225 17.26 0.82 -3.61
C ASN D 225 17.41 0.84 -5.13
N MET D 226 18.56 1.29 -5.66
CA MET D 226 18.75 1.20 -7.11
C MET D 226 18.62 -0.23 -7.57
N LEU D 227 18.98 -1.19 -6.72
CA LEU D 227 19.00 -2.58 -7.16
C LEU D 227 17.59 -3.14 -7.33
N PRO D 228 16.69 -3.12 -6.32
CA PRO D 228 15.32 -3.57 -6.56
C PRO D 228 14.64 -2.82 -7.69
N GLN D 229 14.93 -1.54 -7.84
CA GLN D 229 14.44 -0.75 -8.97
C GLN D 229 14.80 -1.40 -10.30
N ALA D 230 16.09 -1.68 -10.49
CA ALA D 230 16.54 -2.24 -11.77
C ALA D 230 16.02 -3.65 -11.97
N ARG D 231 15.98 -4.46 -10.90
CA ARG D 231 15.34 -5.78 -10.97
C ARG D 231 13.92 -5.69 -11.52
N GLU D 232 13.06 -4.93 -10.85
CA GLU D 232 11.65 -4.95 -11.22
C GLU D 232 11.43 -4.38 -12.62
N PHE D 233 12.00 -3.21 -12.92
CA PHE D 233 11.86 -2.65 -14.28
C PHE D 233 12.40 -3.61 -15.34
N ASN D 234 13.53 -4.27 -15.07
CA ASN D 234 14.07 -5.18 -16.08
C ASN D 234 13.17 -6.40 -16.27
N GLU D 235 12.65 -6.96 -15.18
CA GLU D 235 11.78 -8.12 -15.26
C GLU D 235 10.48 -7.82 -16.03
N VAL D 236 9.95 -6.59 -15.91
CA VAL D 236 8.64 -6.27 -16.45
C VAL D 236 8.70 -5.89 -17.93
N VAL D 237 9.69 -5.09 -18.34
CA VAL D 237 9.77 -4.61 -19.70
C VAL D 237 11.08 -4.95 -20.40
N GLY D 238 12.15 -5.26 -19.67
CA GLY D 238 13.43 -5.55 -20.27
C GLY D 238 14.26 -4.30 -20.51
N ILE D 239 15.18 -4.00 -19.60
CA ILE D 239 15.97 -2.78 -19.66
C ILE D 239 17.23 -3.04 -20.48
N THR D 240 17.50 -2.17 -21.47
CA THR D 240 18.68 -2.35 -22.33
C THR D 240 19.86 -1.46 -21.96
N GLY D 241 19.66 -0.45 -21.11
CA GLY D 241 20.74 0.39 -20.66
C GLY D 241 20.31 1.28 -19.52
N LEU D 242 21.30 1.75 -18.76
CA LEU D 242 21.07 2.61 -17.60
C LEU D 242 21.58 4.03 -17.87
N ILE D 243 20.84 5.01 -17.40
CA ILE D 243 21.29 6.38 -17.34
C ILE D 243 21.44 6.75 -15.86
N LEU D 244 22.68 6.99 -15.43
CA LEU D 244 22.98 7.33 -14.04
C LEU D 244 23.09 8.85 -13.91
N THR D 245 22.14 9.48 -13.22
CA THR D 245 22.05 10.95 -13.19
C THR D 245 22.61 11.56 -11.90
N LYS D 246 22.82 12.89 -11.95
CA LYS D 246 23.15 13.69 -10.77
C LYS D 246 24.48 13.29 -10.13
N LEU D 247 25.46 12.90 -10.95
CA LEU D 247 26.78 12.56 -10.42
C LEU D 247 27.64 13.79 -10.14
N ASP D 248 27.21 14.98 -10.55
CA ASP D 248 27.89 16.22 -10.19
C ASP D 248 27.66 16.62 -8.74
N GLY D 249 26.74 15.95 -8.04
CA GLY D 249 26.53 16.18 -6.63
C GLY D 249 27.57 15.46 -5.81
N SER D 250 27.26 15.26 -4.53
CA SER D 250 28.18 14.59 -3.64
C SER D 250 27.99 13.07 -3.57
N ALA D 251 27.01 12.52 -4.29
CA ALA D 251 26.84 11.08 -4.33
C ALA D 251 27.76 10.46 -5.38
N ARG D 252 28.26 9.25 -5.08
CA ARG D 252 29.17 8.52 -5.96
C ARG D 252 28.47 7.52 -6.86
N GLY D 253 27.25 7.11 -6.53
CA GLY D 253 26.54 6.13 -7.33
C GLY D 253 27.12 4.73 -7.27
N GLY D 254 27.79 4.39 -6.16
CA GLY D 254 28.46 3.09 -6.05
C GLY D 254 27.53 1.90 -6.19
N CYS D 255 26.22 2.09 -6.06
CA CYS D 255 25.33 0.94 -6.15
C CYS D 255 25.17 0.46 -7.59
N VAL D 256 25.36 1.34 -8.57
CA VAL D 256 25.21 0.97 -9.98
C VAL D 256 26.10 -0.22 -10.32
N VAL D 257 27.24 -0.33 -9.66
CA VAL D 257 28.20 -1.36 -10.00
C VAL D 257 27.59 -2.74 -9.76
N SER D 258 26.79 -2.87 -8.71
CA SER D 258 26.14 -4.13 -8.38
C SER D 258 24.91 -4.40 -9.25
N VAL D 259 24.27 -3.36 -9.80
CA VAL D 259 23.23 -3.54 -10.82
C VAL D 259 23.82 -4.18 -12.07
N VAL D 260 24.94 -3.64 -12.56
CA VAL D 260 25.59 -4.18 -13.76
C VAL D 260 26.07 -5.60 -13.49
N GLU D 261 26.68 -5.81 -12.34
CA GLU D 261 27.19 -7.12 -12.01
C GLU D 261 26.06 -8.14 -11.86
N GLU D 262 24.91 -7.73 -11.38
CA GLU D 262 23.82 -8.69 -11.19
C GLU D 262 22.96 -8.88 -12.43
N LEU D 263 22.66 -7.82 -13.18
CA LEU D 263 21.67 -7.94 -14.25
C LEU D 263 22.30 -7.94 -15.64
N GLY D 264 23.54 -7.49 -15.77
CA GLY D 264 24.19 -7.41 -17.07
C GLY D 264 23.74 -6.24 -17.91
N ILE D 265 22.94 -5.35 -17.34
CA ILE D 265 22.53 -4.13 -18.03
C ILE D 265 23.67 -3.13 -18.01
N PRO D 266 24.14 -2.71 -19.16
CA PRO D 266 25.26 -1.76 -19.20
C PRO D 266 24.80 -0.37 -18.81
N VAL D 267 25.70 0.37 -18.17
CA VAL D 267 25.53 1.81 -18.03
C VAL D 267 25.88 2.46 -19.36
N LYS D 268 24.95 3.24 -19.92
CA LYS D 268 25.21 3.87 -21.22
C LYS D 268 25.46 5.36 -21.15
N PHE D 269 24.87 6.08 -20.20
CA PHE D 269 25.14 7.50 -20.05
C PHE D 269 25.18 7.90 -18.58
N ILE D 270 25.88 8.98 -18.28
CA ILE D 270 25.82 9.59 -16.97
C ILE D 270 25.37 11.02 -17.14
N GLY D 271 24.66 11.54 -16.14
CA GLY D 271 24.24 12.92 -16.11
C GLY D 271 25.12 13.69 -15.14
N VAL D 272 25.57 14.87 -15.56
CA VAL D 272 26.56 15.62 -14.80
C VAL D 272 26.16 17.08 -14.65
N GLY D 273 24.85 17.34 -14.64
CA GLY D 273 24.34 18.69 -14.47
C GLY D 273 22.98 18.82 -15.16
N GLU D 274 22.53 20.07 -15.28
CA GLU D 274 21.20 20.38 -15.77
C GLU D 274 21.17 21.11 -17.11
N ALA D 275 22.32 21.53 -17.65
CA ALA D 275 22.38 22.18 -18.95
C ALA D 275 22.32 21.16 -20.08
N VAL D 276 22.13 21.67 -21.31
CA VAL D 276 21.84 20.84 -22.48
C VAL D 276 22.94 19.80 -22.72
N GLU D 277 24.20 20.20 -22.53
CA GLU D 277 25.37 19.38 -22.83
C GLU D 277 25.72 18.35 -21.74
N ASP D 278 25.03 18.37 -20.59
CA ASP D 278 25.47 17.61 -19.42
C ASP D 278 25.04 16.15 -19.43
N LEU D 279 25.31 15.46 -20.53
CA LEU D 279 25.18 14.03 -20.63
C LEU D 279 26.45 13.52 -21.29
N GLN D 280 27.05 12.47 -20.73
CA GLN D 280 28.27 11.89 -21.26
C GLN D 280 28.08 10.41 -21.53
N PRO D 281 28.53 9.91 -22.67
CA PRO D 281 28.50 8.46 -22.88
C PRO D 281 29.40 7.81 -21.84
N PHE D 282 28.99 6.64 -21.37
CA PHE D 282 29.63 6.03 -20.21
C PHE D 282 31.04 5.56 -20.53
N ASP D 283 32.03 6.07 -19.77
CA ASP D 283 33.39 5.54 -19.87
C ASP D 283 33.71 4.80 -18.58
N PRO D 284 33.86 3.47 -18.60
CA PRO D 284 34.09 2.74 -17.35
C PRO D 284 35.41 3.07 -16.68
N GLU D 285 36.46 3.32 -17.46
CA GLU D 285 37.74 3.73 -16.88
C GLU D 285 37.61 5.09 -16.20
N ALA D 286 36.95 6.04 -16.86
CA ALA D 286 36.75 7.36 -16.26
C ALA D 286 35.89 7.26 -15.00
N PHE D 287 34.84 6.44 -15.05
CA PHE D 287 33.93 6.35 -13.92
C PHE D 287 34.65 5.80 -12.69
N VAL D 288 35.52 4.80 -12.88
CA VAL D 288 36.18 4.19 -11.75
C VAL D 288 37.24 5.12 -11.17
N ASN D 289 38.00 5.82 -12.02
CA ASN D 289 38.91 6.84 -11.50
C ASN D 289 38.16 7.92 -10.74
N ALA D 290 37.04 8.41 -11.28
CA ALA D 290 36.30 9.48 -10.65
C ALA D 290 35.72 9.07 -9.29
N ILE D 291 35.17 7.86 -9.20
CA ILE D 291 34.51 7.44 -7.96
C ILE D 291 35.53 7.27 -6.84
N PHE D 292 36.77 6.95 -7.17
CA PHE D 292 37.82 6.76 -6.19
C PHE D 292 38.78 7.95 -6.13
N SER D 293 38.27 9.16 -6.33
CA SER D 293 39.08 10.35 -6.09
C SER D 293 38.18 11.53 -5.72
PG GCP E . -24.96 -4.04 2.35
O1G GCP E . -25.78 -3.78 3.56
O2G GCP E . -24.93 -5.53 2.00
O3G GCP E . -25.47 -3.23 1.18
C3B GCP E . -23.25 -3.44 2.71
PB GCP E . -22.41 -3.25 1.06
O1B GCP E . -23.12 -2.35 0.10
O2B GCP E . -22.11 -4.61 0.44
O3A GCP E . -20.96 -2.58 1.43
PA GCP E . -20.62 -0.98 1.39
O1A GCP E . -21.69 -0.24 2.12
O2A GCP E . -20.47 -0.50 0.00
O5' GCP E . -19.18 -0.94 2.15
C5' GCP E . -19.00 -1.58 3.40
C4' GCP E . -17.62 -1.02 3.93
O4' GCP E . -16.68 -1.52 3.16
C3' GCP E . -17.62 0.50 3.68
O3' GCP E . -17.17 1.12 4.81
C2' GCP E . -16.70 0.66 2.44
O2' GCP E . -16.10 2.05 2.41
C1' GCP E . -15.81 -0.29 2.64
N9 GCP E . -15.14 -0.79 1.45
C8 GCP E . -15.69 -1.15 0.30
N7 GCP E . -14.71 -1.59 -0.51
C5 GCP E . -13.54 -1.51 0.15
C6 GCP E . -12.23 -1.83 -0.22
O6 GCP E . -11.95 -2.25 -1.28
N1 GCP E . -11.25 -1.61 0.68
C2 GCP E . -11.53 -1.12 1.91
N2 GCP E . -10.44 -0.91 2.89
N3 GCP E . -12.80 -0.82 2.26
C4 GCP E . -13.81 -1.02 1.36
MG MG F . -26.85 -0.97 0.01
PG GCP G . -18.94 0.18 7.96
O1G GCP G . -19.25 0.94 9.22
O2G GCP G . -17.54 -0.40 8.12
O3G GCP G . -19.07 1.04 6.75
C3B GCP G . -20.08 -1.28 7.74
PB GCP G . -20.54 -1.93 9.44
O1B GCP G . -21.06 -0.84 10.32
O2B GCP G . -19.37 -2.62 10.11
O3A GCP G . -21.71 -3.00 9.16
PA GCP G . -23.29 -2.68 9.26
O1A GCP G . -23.74 -2.63 10.69
O2A GCP G . -23.53 -1.39 8.51
O5' GCP G . -23.86 -3.98 8.47
C5' GCP G . -23.35 -4.26 7.18
C4' GCP G . -24.34 -5.30 6.54
O4' GCP G . -24.21 -6.46 7.20
C3' GCP G . -25.77 -4.78 6.81
O3' GCP G . -26.55 -5.05 5.73
C2' GCP G . -26.23 -5.59 8.04
O2' GCP G . -27.74 -5.66 8.13
C1' GCP G . -25.67 -6.75 7.84
N9 GCP G . -25.49 -7.45 9.07
C8 GCP G . -24.94 -7.02 10.21
N7 GCP G . -24.97 -8.04 11.09
C5 GCP G . -25.56 -9.10 10.49
C6 GCP G . -25.89 -10.40 10.90
O6 GCP G . -25.63 -10.77 11.98
N1 GCP G . -26.49 -11.23 10.05
C2 GCP G . -26.78 -10.82 8.78
N2 GCP G . -27.44 -11.73 7.79
N3 GCP G . -26.47 -9.57 8.37
C4 GCP G . -25.87 -8.72 9.23
MG MG H . -20.97 1.42 10.41
C1 GOL I . -27.41 -7.20 27.30
O1 GOL I . -28.54 -8.00 27.06
C2 GOL I . -26.60 -7.86 28.41
O2 GOL I . -25.78 -8.84 27.83
C3 GOL I . -25.81 -6.79 29.16
O3 GOL I . -26.53 -6.29 30.27
MG MG J . 10.11 22.22 -8.86
PG GCP K . 12.78 20.18 -9.10
O1G GCP K . 11.87 21.35 -8.85
O2G GCP K . 13.91 20.23 -8.08
O3G GCP K . 13.29 20.33 -10.50
C3B GCP K . 11.83 18.59 -8.93
PB GCP K . 10.75 18.74 -7.42
O1B GCP K . 9.97 20.03 -7.44
O2B GCP K . 11.61 18.59 -6.17
O3A GCP K . 9.72 17.45 -7.35
PA GCP K . 8.33 17.36 -8.16
O1A GCP K . 7.19 17.77 -7.30
O2A GCP K . 8.41 18.26 -9.37
O5' GCP K . 8.12 15.84 -8.75
C5' GCP K . 8.93 14.76 -8.31
C4' GCP K . 8.22 13.45 -8.81
O4' GCP K . 7.96 12.67 -7.80
C3' GCP K . 6.85 13.80 -9.42
O3' GCP K . 6.49 12.88 -10.36
C2' GCP K . 5.90 13.70 -8.21
O2' GCP K . 4.49 13.54 -8.71
C1' GCP K . 6.35 12.61 -7.62
N9 GCP K . 6.19 12.61 -6.19
C8 GCP K . 6.32 13.58 -5.29
N7 GCP K . 6.09 13.05 -4.05
C5 GCP K . 5.83 11.75 -4.21
C6 GCP K . 5.53 10.72 -3.33
O6 GCP K . 5.46 10.90 -2.17
N1 GCP K . 5.33 9.49 -3.82
C2 GCP K . 5.40 9.23 -5.15
N2 GCP K . 5.17 7.88 -5.71
N3 GCP K . 5.68 10.23 -6.01
C4 GCP K . 5.90 11.48 -5.53
MG MG L . 9.30 13.81 -16.51
PG GCP M . 9.00 12.88 -13.31
O1G GCP M . 7.88 13.68 -12.69
O2G GCP M . 9.01 11.46 -12.76
O3G GCP M . 8.80 12.86 -14.79
C3B GCP M . 10.60 13.78 -12.95
PB GCP M . 11.88 13.30 -14.22
O1B GCP M . 12.31 11.89 -13.89
O2B GCP M . 11.35 13.40 -15.62
O3A GCP M . 13.17 14.25 -14.00
PA GCP M . 13.36 15.75 -14.56
O1A GCP M . 12.02 16.45 -14.63
O2A GCP M . 14.01 15.72 -15.89
O5' GCP M . 14.40 16.45 -13.50
C5' GCP M . 14.10 16.54 -12.11
C4' GCP M . 15.24 17.48 -11.53
O4' GCP M . 16.38 16.85 -11.56
C3' GCP M . 15.38 18.68 -12.47
O3' GCP M . 15.62 19.79 -11.72
C2' GCP M . 16.62 18.33 -13.30
O2' GCP M . 17.18 19.59 -13.94
C1' GCP M . 17.40 17.77 -12.39
N9 GCP M . 18.44 16.92 -12.98
C8 GCP M . 18.28 16.00 -13.93
N7 GCP M . 19.49 15.45 -14.17
C5 GCP M . 20.40 16.06 -13.39
C6 GCP M . 21.79 15.89 -13.26
O6 GCP M . 22.36 15.11 -13.89
N1 GCP M . 22.46 16.64 -12.36
C2 GCP M . 21.78 17.56 -11.63
N2 GCP M . 22.48 18.41 -10.63
N3 GCP M . 20.45 17.71 -11.76
C4 GCP M . 19.75 16.96 -12.65
C1 GOL N . 24.75 9.48 -28.14
O1 GOL N . 25.63 10.23 -27.35
C2 GOL N . 25.48 9.19 -29.42
O2 GOL N . 26.86 9.19 -29.12
C3 GOL N . 25.02 7.84 -29.97
O3 GOL N . 24.49 8.06 -31.25
#